data_3ZMV
#
_entry.id   3ZMV
#
_cell.length_a   121.300
_cell.length_b   174.370
_cell.length_c   240.160
_cell.angle_alpha   90.00
_cell.angle_beta   90.00
_cell.angle_gamma   90.00
#
_symmetry.space_group_name_H-M   'I 2 2 2'
#
loop_
_entity.id
_entity.type
_entity.pdbx_description
1 polymer 'LYSINE-SPECIFIC HISTONE DEMETHYLASE 1A'
2 polymer 'REST COREPRESSOR 1'
3 polymer 'PKSFLV PEPTIDE'
4 non-polymer 'FLAVIN-ADENINE DINUCLEOTIDE'
#
loop_
_entity_poly.entity_id
_entity_poly.type
_entity_poly.pdbx_seq_one_letter_code
_entity_poly.pdbx_strand_id
1 'polypeptide(L)'
;MLSGKKAAAAAAAAAAAATGTEAGPGTAGGSENGSEVAAQPAGLSGPAEVGPGAVGERTPRKKEPPRASPPGGLAEPPGS
AGPQAGPTVVPGSATPMETGIAETPEGRRTSRRKRAKVEYREMDESLANLSEDEYYSEEERNAKAEKEKKLPPPPPQAPP
EEENESEPEEPSGQAGGLQDDSSGGYGDGQASGVEGAAFQSRLPHDRMTSQEAACFPDIISGPQQTQKVFLFIRNRTLQL
WLDNPKIQLTFEATLQQLEAPYNSDTVLVHRVHSYLERHGLINFGIYKRIKPLPTKKTGKVIIIGSGVSGLAAARQLQSF
GMDVTLLEARDRVGGRVATFRKGNYVADLGAMVVTGLGGNPMAVVSKQVNMELAKIKQKCPLYEANGQAVPKEKDEMVEQ
EFNRLLEATSYLSHQLDFNVLNNKPVSLGQALEVVIQLQEKHVKDEQIEHWKKIVKTQEELKELLNKMVNLKEKIKELHQ
QYKEASEVKPPRDITAEFLVKSKHRDLTALCKEYDELAETQGKLEEKLQELEANPPSDVYLSSRDRQILDWHFANLEFAN
ATPLSTLSLKHWDQDDDFEFTGSHLTVRNGYSCVPVALAEGLDIKLNTAVRQVRYTASGCEVIAVNTRSTSQTFIYKCDA
VLCTLPLGVLKQQPPAVQFVPPLPEWKTSAVQRMGFGNLNKVVLCFDRVFWDPSVNLFGHVGSTTASRGELFLFWNLYKA
PILLALVAGEAAGIMENISDDVIVGRCLAILKGIFGSSAVPQPKETVVSRWRADPWARGSYSYVAAGSSGNDYDLMAQPI
TPGPSIPGAPQPIPRLFFAGEHTIRNYPATVHGALLSGLREAGRIADQFLGAMYTLPRQATPGVPAQQSPSM
;
A
2 'polypeptide(L)'
;MVEKGPEVSGKRRGRNNAAASASAAAASAAASAACASPAATAASGAAASSASAAAASAAAAPNNGQNKSLAAAAPNGNSS
SNSWEEGSSGSSSDEEHGGGGMRVGPQYQAVVPDFDPAKLARRSQERDNLGMLVWSPNQNLSEAKLDEYIAIAKEKHGYN
MEQALGMLFWHKHNIEKSLADLPNFTPFPDEWTVEDKVLFEQAFSFHGKTFHRIQQMLPDKSIASLVKFYYSWKKTRTKT
SVMDRHARKQKREREESEDELEEANGNNPIDIEVDQNKESKKEVPPTETVPQVKKEKHSTQAKNRAKRKPPKGMFLSQED
VEAVSANATAATTVLRQLDMELVSVKRQIQNIKQTNSALKEKLDGGIEPYRLPEVIQKCNARWTTEEQLLAVQAIRKYGR
DFQAISDVIGNKSVVQVKNFFVNYRRRFNIDEVLQEWEAEHGKEETNGPSNQKPVKSPDNSIKMPEEEDEAPVLDVRYAS
AS
;
B
3 'polypeptide(L)' PLSFLV C,D
#
# COMPACT_ATOMS: atom_id res chain seq x y z
N SER A 192 19.64 2.91 -27.34
CA SER A 192 20.04 4.14 -26.59
C SER A 192 21.16 4.90 -27.31
N GLY A 193 22.32 5.06 -26.66
CA GLY A 193 23.43 5.83 -27.21
C GLY A 193 23.35 7.30 -26.83
N VAL A 194 23.01 8.14 -27.80
CA VAL A 194 22.75 9.56 -27.55
C VAL A 194 21.42 9.76 -26.82
N GLU A 195 20.46 8.89 -27.11
CA GLU A 195 19.15 8.92 -26.45
C GLU A 195 19.26 8.41 -25.01
N GLY A 196 20.23 7.53 -24.79
CA GLY A 196 20.51 6.98 -23.46
C GLY A 196 21.15 8.01 -22.56
N ALA A 197 21.99 8.86 -23.14
CA ALA A 197 22.63 9.95 -22.40
C ALA A 197 21.58 10.86 -21.75
N ALA A 198 20.57 11.24 -22.53
CA ALA A 198 19.46 12.06 -22.05
C ALA A 198 18.70 11.36 -20.92
N PHE A 199 18.44 10.07 -21.10
CA PHE A 199 17.82 9.25 -20.06
C PHE A 199 18.65 9.25 -18.78
N GLN A 200 19.95 9.00 -18.91
CA GLN A 200 20.87 8.99 -17.77
C GLN A 200 20.92 10.36 -17.10
N SER A 201 20.68 11.40 -17.90
CA SER A 201 20.61 12.76 -17.38
C SER A 201 19.18 13.19 -17.01
N ARG A 202 18.27 12.23 -16.90
CA ARG A 202 16.88 12.47 -16.49
C ARG A 202 16.13 13.45 -17.42
N LEU A 203 16.40 13.35 -18.72
CA LEU A 203 15.83 14.27 -19.72
C LEU A 203 15.14 13.51 -20.86
N PRO A 204 14.01 14.06 -21.36
CA PRO A 204 13.42 13.50 -22.58
C PRO A 204 14.34 13.78 -23.77
N HIS A 205 14.71 12.73 -24.50
CA HIS A 205 15.66 12.85 -25.62
C HIS A 205 15.07 13.48 -26.85
N ASP A 206 13.76 13.30 -27.05
CA ASP A 206 13.10 13.77 -28.27
C ASP A 206 12.30 15.06 -28.06
N ARG A 207 12.55 15.75 -26.95
CA ARG A 207 11.77 16.92 -26.58
C ARG A 207 12.57 17.90 -25.72
N MET A 208 12.33 19.19 -25.91
CA MET A 208 12.95 20.23 -25.10
C MET A 208 12.20 20.40 -23.77
N THR A 209 12.97 20.56 -22.68
CA THR A 209 12.40 20.68 -21.34
C THR A 209 11.90 22.10 -21.07
N SER A 210 11.22 22.27 -19.94
CA SER A 210 10.72 23.58 -19.49
C SER A 210 11.85 24.56 -19.20
N GLN A 211 12.93 24.06 -18.59
CA GLN A 211 14.10 24.88 -18.32
C GLN A 211 14.84 25.22 -19.60
N GLU A 212 14.81 24.32 -20.57
CA GLU A 212 15.39 24.59 -21.89
C GLU A 212 14.60 25.65 -22.65
N ALA A 213 13.27 25.57 -22.58
CA ALA A 213 12.41 26.62 -23.15
C ALA A 213 12.75 27.99 -22.56
N ALA A 214 13.02 28.03 -21.25
CA ALA A 214 13.38 29.25 -20.55
C ALA A 214 14.65 29.88 -21.11
N CYS A 215 15.68 29.06 -21.33
CA CYS A 215 16.99 29.53 -21.77
C CYS A 215 17.14 29.66 -23.29
N PHE A 216 16.36 28.91 -24.05
CA PHE A 216 16.44 28.94 -25.50
C PHE A 216 15.07 29.24 -26.13
N PRO A 217 14.47 30.39 -25.76
CA PRO A 217 13.11 30.71 -26.20
C PRO A 217 13.02 31.00 -27.69
N ASP A 218 14.19 31.09 -28.33
CA ASP A 218 14.27 31.30 -29.77
C ASP A 218 14.11 29.97 -30.48
N ILE A 219 14.75 28.93 -29.93
CA ILE A 219 14.77 27.62 -30.55
C ILE A 219 13.43 26.88 -30.43
N ILE A 220 12.87 26.84 -29.21
CA ILE A 220 11.64 26.12 -28.95
C ILE A 220 10.40 26.79 -29.56
N SER A 221 10.50 28.08 -29.85
CA SER A 221 9.45 28.79 -30.59
C SER A 221 9.77 28.76 -32.09
N GLY A 222 10.97 28.30 -32.42
CA GLY A 222 11.44 28.23 -33.80
C GLY A 222 10.96 27.00 -34.56
N PRO A 223 11.53 26.75 -35.75
CA PRO A 223 11.08 25.63 -36.58
C PRO A 223 11.57 24.27 -36.08
N GLN A 224 10.71 23.25 -36.26
CA GLN A 224 10.95 21.89 -35.77
C GLN A 224 12.33 21.34 -36.09
N GLN A 225 12.94 21.85 -37.16
CA GLN A 225 14.26 21.41 -37.57
C GLN A 225 15.31 21.84 -36.55
N THR A 226 15.32 23.13 -36.22
CA THR A 226 16.26 23.71 -35.26
C THR A 226 16.26 22.94 -33.94
N GLN A 227 15.05 22.62 -33.46
CA GLN A 227 14.85 21.89 -32.20
C GLN A 227 15.59 20.56 -32.18
N LYS A 228 15.47 19.81 -33.27
CA LYS A 228 16.13 18.50 -33.39
C LYS A 228 17.65 18.61 -33.43
N VAL A 229 18.14 19.72 -33.99
CA VAL A 229 19.57 20.02 -33.99
C VAL A 229 20.02 20.28 -32.56
N PHE A 230 19.31 21.19 -31.89
CA PHE A 230 19.53 21.49 -30.48
C PHE A 230 19.57 20.21 -29.64
N LEU A 231 18.53 19.39 -29.82
CA LEU A 231 18.36 18.19 -29.01
C LEU A 231 19.48 17.21 -29.20
N PHE A 232 20.00 17.12 -30.43
CA PHE A 232 21.14 16.27 -30.71
C PHE A 232 22.39 16.80 -30.00
N ILE A 233 22.71 18.07 -30.22
CA ILE A 233 23.86 18.71 -29.57
C ILE A 233 23.80 18.50 -28.06
N ARG A 234 22.63 18.76 -27.48
CA ARG A 234 22.39 18.55 -26.05
C ARG A 234 22.68 17.10 -25.67
N ASN A 235 22.07 16.14 -26.39
CA ASN A 235 22.20 14.72 -26.10
C ASN A 235 23.62 14.20 -26.30
N ARG A 236 24.27 14.67 -27.36
CA ARG A 236 25.64 14.28 -27.68
C ARG A 236 26.60 14.77 -26.60
N THR A 237 26.49 16.05 -26.23
CA THR A 237 27.36 16.64 -25.23
C THR A 237 27.25 15.91 -23.89
N LEU A 238 26.04 15.50 -23.54
CA LEU A 238 25.82 14.72 -22.32
C LEU A 238 26.56 13.39 -22.44
N GLN A 239 26.39 12.72 -23.59
CA GLN A 239 27.08 11.45 -23.86
C GLN A 239 28.58 11.59 -23.69
N LEU A 240 29.14 12.65 -24.28
CA LEU A 240 30.57 12.92 -24.21
C LEU A 240 31.07 12.99 -22.78
N TRP A 241 30.39 13.79 -21.95
CA TRP A 241 30.73 13.94 -20.54
C TRP A 241 30.52 12.68 -19.76
N LEU A 242 29.48 11.92 -20.11
CA LEU A 242 29.16 10.68 -19.41
C LEU A 242 30.14 9.57 -19.72
N ASP A 243 30.60 9.50 -20.97
CA ASP A 243 31.59 8.51 -21.40
C ASP A 243 32.93 8.69 -20.69
N ASN A 244 33.23 9.94 -20.32
CA ASN A 244 34.41 10.23 -19.53
C ASN A 244 34.10 11.32 -18.50
N PRO A 245 33.56 10.91 -17.33
CA PRO A 245 33.17 11.88 -16.32
C PRO A 245 34.31 12.34 -15.42
N LYS A 246 35.46 11.67 -15.52
CA LYS A 246 36.60 11.99 -14.65
C LYS A 246 37.43 13.18 -15.11
N ILE A 247 37.22 13.64 -16.34
CA ILE A 247 37.86 14.86 -16.85
C ILE A 247 36.85 15.91 -17.31
N GLN A 248 37.21 17.18 -17.14
CA GLN A 248 36.38 18.30 -17.58
C GLN A 248 36.11 18.19 -19.08
N LEU A 249 34.89 18.54 -19.49
CA LEU A 249 34.55 18.59 -20.90
C LEU A 249 34.34 20.04 -21.32
N THR A 250 35.32 20.58 -22.04
CA THR A 250 35.32 21.98 -22.46
C THR A 250 34.49 22.18 -23.73
N PHE A 251 34.20 23.44 -24.04
CA PHE A 251 33.54 23.80 -25.30
C PHE A 251 34.39 23.40 -26.50
N GLU A 252 35.68 23.69 -26.41
CA GLU A 252 36.65 23.35 -27.45
C GLU A 252 36.71 21.84 -27.72
N ALA A 253 36.62 21.05 -26.65
CA ALA A 253 36.65 19.59 -26.76
C ALA A 253 35.33 19.05 -27.32
N THR A 254 34.24 19.74 -27.02
CA THR A 254 32.91 19.34 -27.50
C THR A 254 32.79 19.57 -29.00
N LEU A 255 33.10 20.78 -29.45
CA LEU A 255 33.02 21.16 -30.86
C LEU A 255 33.93 20.28 -31.72
N GLN A 256 35.10 19.94 -31.16
CA GLN A 256 36.04 19.01 -31.76
C GLN A 256 35.35 17.71 -32.21
N GLN A 257 34.53 17.13 -31.34
CA GLN A 257 33.91 15.83 -31.59
C GLN A 257 32.46 15.90 -32.10
N LEU A 258 32.12 16.97 -32.79
CA LEU A 258 30.80 17.09 -33.42
C LEU A 258 30.91 17.03 -34.94
N GLU A 259 30.01 16.27 -35.56
CA GLU A 259 29.96 16.14 -37.01
C GLU A 259 29.10 17.23 -37.63
N ALA A 260 29.14 17.34 -38.96
CA ALA A 260 28.26 18.24 -39.69
C ALA A 260 26.86 17.64 -39.79
N PRO A 261 25.80 18.48 -39.89
CA PRO A 261 25.81 19.94 -39.89
C PRO A 261 25.83 20.56 -38.48
N TYR A 262 25.94 19.71 -37.46
CA TYR A 262 25.79 20.13 -36.06
C TYR A 262 26.87 21.08 -35.56
N ASN A 263 28.05 21.04 -36.17
CA ASN A 263 29.15 21.92 -35.77
C ASN A 263 29.21 23.25 -36.55
N SER A 264 28.26 23.43 -37.47
CA SER A 264 28.23 24.63 -38.31
C SER A 264 27.83 25.88 -37.55
N ASP A 265 26.90 25.74 -36.60
CA ASP A 265 26.51 26.86 -35.74
C ASP A 265 27.26 26.76 -34.41
N THR A 266 28.41 27.43 -34.35
CA THR A 266 29.28 27.32 -33.17
C THR A 266 28.79 28.17 -32.00
N VAL A 267 27.96 29.18 -32.28
CA VAL A 267 27.31 29.95 -31.21
C VAL A 267 26.31 29.08 -30.45
N LEU A 268 25.65 28.17 -31.17
CA LEU A 268 24.70 27.24 -30.55
C LEU A 268 25.43 26.21 -29.68
N VAL A 269 26.42 25.54 -30.26
CA VAL A 269 27.26 24.58 -29.53
C VAL A 269 27.79 25.19 -28.23
N HIS A 270 28.20 26.45 -28.29
CA HIS A 270 28.66 27.18 -27.10
C HIS A 270 27.54 27.41 -26.13
N ARG A 271 26.41 27.96 -26.62
CA ARG A 271 25.21 28.18 -25.79
C ARG A 271 24.75 26.92 -25.07
N VAL A 272 24.63 25.82 -25.82
CA VAL A 272 24.22 24.55 -25.26
C VAL A 272 25.19 24.09 -24.16
N HIS A 273 26.48 24.08 -24.48
CA HIS A 273 27.51 23.65 -23.55
C HIS A 273 27.48 24.44 -22.26
N SER A 274 27.37 25.76 -22.37
CA SER A 274 27.31 26.66 -21.21
C SER A 274 26.09 26.37 -20.32
N TYR A 275 24.94 26.16 -20.95
CA TYR A 275 23.73 25.75 -20.26
C TYR A 275 23.94 24.47 -19.46
N LEU A 276 24.47 23.45 -20.13
CA LEU A 276 24.72 22.16 -19.49
C LEU A 276 25.73 22.27 -18.34
N GLU A 277 26.75 23.08 -18.53
CA GLU A 277 27.79 23.27 -17.51
C GLU A 277 27.27 24.07 -16.33
N ARG A 278 26.45 25.08 -16.63
CA ARG A 278 25.84 25.94 -15.60
C ARG A 278 24.95 25.14 -14.66
N HIS A 279 24.13 24.27 -15.23
CA HIS A 279 23.16 23.52 -14.42
C HIS A 279 23.63 22.16 -14.00
N GLY A 280 24.95 21.97 -14.00
CA GLY A 280 25.58 20.76 -13.46
C GLY A 280 25.17 19.47 -14.10
N LEU A 281 24.86 19.51 -15.39
CA LEU A 281 24.53 18.31 -16.13
C LEU A 281 25.81 17.68 -16.66
N ILE A 282 26.80 18.54 -16.86
CA ILE A 282 28.15 18.13 -17.22
C ILE A 282 29.12 18.91 -16.34
N ASN A 283 30.31 18.36 -16.13
CA ASN A 283 31.34 18.99 -15.29
C ASN A 283 30.85 19.27 -13.87
N PHE A 284 30.33 18.21 -13.22
CA PHE A 284 29.93 18.26 -11.83
C PHE A 284 30.59 17.11 -11.06
N GLY A 285 30.82 17.33 -9.77
CA GLY A 285 31.44 16.33 -8.92
C GLY A 285 32.93 16.58 -8.80
N ILE A 286 33.73 15.58 -9.14
CA ILE A 286 35.18 15.63 -9.00
C ILE A 286 35.88 15.23 -10.29
N TYR A 287 36.44 16.22 -10.98
CA TYR A 287 37.04 16.01 -12.30
C TYR A 287 38.33 16.79 -12.48
N LYS A 288 39.23 16.26 -13.30
CA LYS A 288 40.47 16.94 -13.66
C LYS A 288 40.13 18.20 -14.46
N ARG A 289 40.45 19.36 -13.87
CA ARG A 289 40.16 20.65 -14.48
C ARG A 289 41.14 20.95 -15.61
N ILE A 290 40.61 21.26 -16.80
CA ILE A 290 41.44 21.58 -17.96
C ILE A 290 42.02 22.99 -17.86
N LYS A 291 41.17 23.99 -17.68
CA LYS A 291 41.61 25.37 -17.47
C LYS A 291 41.55 25.67 -15.97
N PRO A 292 42.72 25.70 -15.30
CA PRO A 292 42.75 25.97 -13.84
C PRO A 292 41.88 27.16 -13.43
N LEU A 293 41.26 27.05 -12.27
CA LEU A 293 40.27 28.01 -11.77
C LEU A 293 40.62 29.47 -12.05
N PRO A 294 39.63 30.26 -12.55
CA PRO A 294 39.77 31.68 -12.85
C PRO A 294 40.69 32.42 -11.87
N THR A 295 41.58 33.22 -12.44
CA THR A 295 42.62 33.93 -11.67
C THR A 295 42.09 34.72 -10.47
N LYS A 296 41.04 35.50 -10.69
CA LYS A 296 40.38 36.25 -9.61
C LYS A 296 38.95 35.73 -9.40
N LYS A 297 38.40 36.01 -8.23
CA LYS A 297 37.09 35.49 -7.85
C LYS A 297 36.00 36.56 -7.83
N THR A 298 34.84 36.22 -8.37
CA THR A 298 33.70 37.15 -8.42
C THR A 298 32.61 36.70 -7.45
N GLY A 299 32.10 37.63 -6.65
CA GLY A 299 31.00 37.38 -5.71
C GLY A 299 31.36 36.56 -4.48
N LYS A 300 30.76 36.91 -3.35
CA LYS A 300 30.99 36.20 -2.10
C LYS A 300 29.74 35.42 -1.68
N VAL A 301 29.92 34.11 -1.52
CA VAL A 301 28.83 33.20 -1.14
C VAL A 301 29.16 32.43 0.14
N ILE A 302 28.26 32.53 1.12
CA ILE A 302 28.33 31.73 2.33
C ILE A 302 27.29 30.61 2.26
N ILE A 303 27.74 29.37 2.44
CA ILE A 303 26.86 28.20 2.42
C ILE A 303 26.77 27.61 3.82
N ILE A 304 25.55 27.53 4.34
CA ILE A 304 25.30 26.94 5.65
C ILE A 304 25.22 25.41 5.52
N GLY A 305 26.14 24.73 6.21
CA GLY A 305 26.17 23.27 6.23
C GLY A 305 26.97 22.65 5.10
N SER A 306 27.80 21.66 5.44
CA SER A 306 28.56 20.94 4.44
C SER A 306 28.04 19.51 4.28
N GLY A 307 26.72 19.39 4.24
CA GLY A 307 26.07 18.16 3.81
C GLY A 307 26.23 18.03 2.31
N VAL A 308 25.69 16.97 1.73
CA VAL A 308 25.87 16.69 0.31
C VAL A 308 25.37 17.83 -0.57
N SER A 309 24.18 18.34 -0.29
CA SER A 309 23.65 19.47 -1.05
C SER A 309 24.60 20.66 -0.95
N GLY A 310 25.01 20.99 0.27
CA GLY A 310 25.94 22.09 0.53
C GLY A 310 27.24 21.99 -0.25
N LEU A 311 27.90 20.83 -0.19
CA LEU A 311 29.14 20.61 -0.91
C LEU A 311 28.93 20.72 -2.41
N ALA A 312 27.89 20.06 -2.91
CA ALA A 312 27.62 20.05 -4.35
C ALA A 312 27.46 21.46 -4.90
N ALA A 313 26.88 22.35 -4.11
CA ALA A 313 26.70 23.72 -4.54
C ALA A 313 28.02 24.48 -4.41
N ALA A 314 28.79 24.13 -3.39
CA ALA A 314 30.11 24.71 -3.16
C ALA A 314 31.08 24.39 -4.30
N ARG A 315 31.15 23.12 -4.67
CA ARG A 315 32.03 22.69 -5.75
C ARG A 315 31.69 23.37 -7.06
N GLN A 316 30.40 23.63 -7.26
CA GLN A 316 29.92 24.24 -8.48
C GLN A 316 30.19 25.74 -8.51
N LEU A 317 29.80 26.43 -7.45
CA LEU A 317 30.01 27.87 -7.37
C LEU A 317 31.50 28.22 -7.43
N GLN A 318 32.34 27.35 -6.88
CA GLN A 318 33.79 27.49 -7.04
C GLN A 318 34.21 27.25 -8.49
N SER A 319 33.60 26.26 -9.14
CA SER A 319 33.84 25.99 -10.57
C SER A 319 33.52 27.21 -11.43
N PHE A 320 32.62 28.05 -10.95
CA PHE A 320 32.22 29.25 -11.67
C PHE A 320 33.06 30.45 -11.25
N GLY A 321 34.08 30.21 -10.45
CA GLY A 321 35.00 31.25 -9.99
C GLY A 321 34.43 32.21 -8.94
N MET A 322 33.58 31.69 -8.05
CA MET A 322 33.03 32.49 -6.96
C MET A 322 33.77 32.20 -5.66
N ASP A 323 33.69 33.15 -4.73
CA ASP A 323 34.29 33.00 -3.41
C ASP A 323 33.30 32.34 -2.47
N VAL A 324 33.59 31.10 -2.11
CA VAL A 324 32.64 30.25 -1.41
C VAL A 324 33.21 29.73 -0.09
N THR A 325 32.46 29.93 0.99
CA THR A 325 32.82 29.39 2.30
C THR A 325 31.62 28.68 2.96
N LEU A 326 31.85 27.45 3.39
CA LEU A 326 30.83 26.63 4.04
C LEU A 326 30.99 26.65 5.56
N LEU A 327 29.86 26.81 6.25
CA LEU A 327 29.86 26.84 7.71
C LEU A 327 29.15 25.62 8.26
N GLU A 328 29.93 24.68 8.78
CA GLU A 328 29.39 23.45 9.34
C GLU A 328 29.41 23.51 10.86
N ALA A 329 28.27 23.13 11.46
CA ALA A 329 28.17 23.04 12.91
C ALA A 329 28.97 21.85 13.45
N ARG A 330 28.94 20.73 12.72
CA ARG A 330 29.59 19.50 13.17
C ARG A 330 31.12 19.57 13.11
N ASP A 331 31.76 18.53 13.63
CA ASP A 331 33.22 18.38 13.57
C ASP A 331 33.64 17.53 12.39
N ARG A 332 32.71 17.30 11.47
CA ARG A 332 32.93 16.45 10.29
C ARG A 332 32.05 16.92 9.13
N VAL A 333 32.42 16.52 7.92
CA VAL A 333 31.59 16.74 6.74
C VAL A 333 30.58 15.61 6.55
N GLY A 334 29.57 15.85 5.72
CA GLY A 334 28.66 14.78 5.31
C GLY A 334 27.25 14.93 5.81
N GLY A 335 27.08 15.51 6.99
CA GLY A 335 25.77 15.68 7.57
C GLY A 335 25.08 14.35 7.76
N ARG A 336 23.97 14.16 7.05
CA ARG A 336 23.15 12.95 7.18
C ARG A 336 23.73 11.77 6.42
N VAL A 337 24.95 11.95 5.92
CA VAL A 337 25.76 10.86 5.40
C VAL A 337 26.90 10.71 6.39
N ALA A 338 26.86 9.65 7.19
CA ALA A 338 27.85 9.44 8.25
C ALA A 338 28.24 7.97 8.37
N THR A 339 29.54 7.71 8.24
CA THR A 339 30.06 6.35 8.29
C THR A 339 30.91 6.13 9.54
N PHE A 340 30.51 5.13 10.34
CA PHE A 340 31.28 4.70 11.48
C PHE A 340 32.51 3.96 10.99
N ARG A 341 33.68 4.53 11.29
CA ARG A 341 34.95 3.92 10.94
C ARG A 341 35.81 3.74 12.18
N LYS A 342 36.11 2.49 12.50
CA LYS A 342 36.87 2.13 13.68
C LYS A 342 37.48 0.76 13.40
N GLY A 343 38.80 0.71 13.31
CA GLY A 343 39.50 -0.52 12.93
C GLY A 343 39.09 -0.96 11.55
N ASN A 344 38.64 -2.21 11.45
CA ASN A 344 38.18 -2.77 10.17
C ASN A 344 36.67 -2.63 10.01
N TYR A 345 36.01 -2.26 11.10
CA TYR A 345 34.57 -2.09 11.11
C TYR A 345 34.17 -0.82 10.36
N VAL A 346 33.30 -1.00 9.36
CA VAL A 346 32.76 0.12 8.59
C VAL A 346 31.24 -0.04 8.46
N ALA A 347 30.49 0.98 8.90
CA ALA A 347 29.02 0.93 8.87
C ALA A 347 28.42 2.33 8.79
N ASP A 348 27.42 2.48 7.91
CA ASP A 348 26.71 3.75 7.75
C ASP A 348 25.58 3.92 8.77
N LEU A 349 25.58 5.06 9.46
CA LEU A 349 24.47 5.46 10.31
C LEU A 349 23.49 6.34 9.53
N GLY A 350 23.96 6.88 8.40
CA GLY A 350 23.15 7.70 7.52
C GLY A 350 22.88 6.97 6.23
N ALA A 351 22.88 7.72 5.12
CA ALA A 351 22.63 7.15 3.80
C ALA A 351 23.36 5.84 3.60
N MET A 352 22.63 4.85 3.12
CA MET A 352 23.16 3.49 3.01
C MET A 352 23.06 2.95 1.59
N VAL A 353 21.96 3.27 0.92
CA VAL A 353 21.63 2.64 -0.35
C VAL A 353 21.70 3.63 -1.52
N VAL A 354 22.11 3.12 -2.68
CA VAL A 354 22.03 3.85 -3.93
C VAL A 354 20.83 3.23 -4.67
N THR A 355 19.77 4.01 -4.87
CA THR A 355 18.52 3.43 -5.36
C THR A 355 18.45 3.31 -6.88
N GLY A 356 19.39 2.55 -7.45
CA GLY A 356 19.46 2.30 -8.90
C GLY A 356 20.33 3.31 -9.63
N LEU A 357 21.20 2.81 -10.51
CA LEU A 357 22.10 3.67 -11.27
C LEU A 357 21.47 4.27 -12.53
N GLY A 358 20.31 3.75 -12.92
CA GLY A 358 19.63 4.17 -14.14
C GLY A 358 19.04 5.56 -14.06
N GLY A 359 19.81 6.54 -14.52
CA GLY A 359 19.41 7.95 -14.47
C GLY A 359 19.98 8.70 -13.30
N ASN A 360 20.59 7.96 -12.38
CA ASN A 360 21.11 8.51 -11.12
C ASN A 360 22.38 9.33 -11.30
N PRO A 361 22.38 10.58 -10.81
CA PRO A 361 23.61 11.38 -10.86
C PRO A 361 24.71 10.79 -10.01
N MET A 362 24.35 9.89 -9.10
CA MET A 362 25.32 9.21 -8.26
C MET A 362 26.13 8.20 -9.06
N ALA A 363 25.58 7.75 -10.19
CA ALA A 363 26.28 6.86 -11.11
C ALA A 363 27.57 7.51 -11.64
N VAL A 364 27.50 8.80 -11.93
CA VAL A 364 28.67 9.60 -12.33
C VAL A 364 29.69 9.63 -11.18
N VAL A 365 29.22 10.05 -10.01
CA VAL A 365 30.07 10.19 -8.82
C VAL A 365 30.76 8.87 -8.47
N SER A 366 30.06 7.75 -8.67
CA SER A 366 30.60 6.43 -8.38
C SER A 366 31.76 6.05 -9.30
N LYS A 367 31.86 6.74 -10.43
CA LYS A 367 32.96 6.53 -11.37
C LYS A 367 34.08 7.53 -11.12
N GLN A 368 33.76 8.61 -10.41
CA GLN A 368 34.75 9.62 -10.04
C GLN A 368 35.45 9.24 -8.75
N VAL A 369 34.66 8.91 -7.73
CA VAL A 369 35.18 8.50 -6.43
C VAL A 369 35.27 6.97 -6.37
N ASN A 370 36.11 6.47 -5.48
CA ASN A 370 36.21 5.04 -5.23
C ASN A 370 35.03 4.52 -4.40
N MET A 371 33.98 4.10 -5.10
CA MET A 371 32.79 3.54 -4.45
C MET A 371 32.66 2.05 -4.78
N GLU A 372 32.77 1.21 -3.76
CA GLU A 372 32.50 -0.21 -3.89
C GLU A 372 31.01 -0.44 -3.75
N LEU A 373 30.30 -0.45 -4.88
CA LEU A 373 28.86 -0.63 -4.89
C LEU A 373 28.49 -2.10 -5.02
N ALA A 374 27.91 -2.65 -3.95
CA ALA A 374 27.47 -4.04 -3.93
C ALA A 374 25.96 -4.15 -4.11
N LYS A 375 25.52 -5.08 -4.95
CA LYS A 375 24.09 -5.29 -5.19
C LYS A 375 23.39 -5.88 -3.97
N ILE A 376 22.14 -5.50 -3.77
CA ILE A 376 21.36 -6.01 -2.64
C ILE A 376 20.40 -7.08 -3.12
N LYS A 377 20.58 -8.29 -2.61
CA LYS A 377 19.67 -9.40 -2.89
C LYS A 377 18.42 -9.16 -2.09
N GLN A 378 17.31 -8.93 -2.80
CA GLN A 378 16.06 -8.50 -2.18
C GLN A 378 15.32 -9.63 -1.46
N LYS A 379 15.93 -10.82 -1.40
CA LYS A 379 15.35 -11.96 -0.68
C LYS A 379 15.43 -11.75 0.83
N CYS A 380 14.28 -11.50 1.43
CA CYS A 380 14.22 -11.15 2.85
C CYS A 380 13.32 -12.09 3.66
N PRO A 381 13.91 -13.11 4.30
CA PRO A 381 13.16 -14.02 5.16
C PRO A 381 12.67 -13.33 6.43
N LEU A 382 11.46 -13.67 6.86
CA LEU A 382 10.90 -13.12 8.09
C LEU A 382 10.94 -14.13 9.23
N TYR A 383 11.12 -13.64 10.45
CA TYR A 383 11.12 -14.49 11.63
C TYR A 383 10.16 -13.91 12.68
N GLU A 384 9.33 -14.78 13.24
CA GLU A 384 8.34 -14.36 14.24
C GLU A 384 8.97 -14.11 15.60
N ALA A 385 8.14 -13.76 16.58
CA ALA A 385 8.59 -13.40 17.93
C ALA A 385 9.42 -14.50 18.58
N ASN A 386 8.98 -15.75 18.44
CA ASN A 386 9.66 -16.90 19.03
C ASN A 386 10.99 -17.25 18.36
N GLY A 387 11.15 -16.85 17.11
CA GLY A 387 12.39 -17.06 16.38
C GLY A 387 12.26 -18.05 15.25
N GLN A 388 11.04 -18.56 15.05
CA GLN A 388 10.77 -19.51 13.96
C GLN A 388 10.46 -18.77 12.67
N ALA A 389 11.05 -19.23 11.58
CA ALA A 389 10.83 -18.66 10.24
C ALA A 389 9.35 -18.66 9.84
N VAL A 390 8.99 -17.75 8.94
CA VAL A 390 7.63 -17.67 8.43
C VAL A 390 7.53 -18.52 7.16
N PRO A 391 6.61 -19.51 7.16
CA PRO A 391 6.44 -20.42 6.02
C PRO A 391 6.14 -19.66 4.73
N LYS A 392 6.72 -20.12 3.62
CA LYS A 392 6.52 -19.48 2.31
C LYS A 392 5.05 -19.42 1.90
N GLU A 393 4.23 -20.25 2.55
CA GLU A 393 2.78 -20.19 2.39
C GLU A 393 2.24 -18.85 2.90
N LYS A 394 2.45 -18.61 4.20
CA LYS A 394 2.07 -17.36 4.87
C LYS A 394 2.72 -16.15 4.24
N ASP A 395 4.07 -16.17 4.21
CA ASP A 395 4.88 -15.08 3.69
C ASP A 395 4.27 -14.46 2.45
N GLU A 396 4.10 -15.28 1.42
CA GLU A 396 3.64 -14.83 0.12
C GLU A 396 2.19 -14.38 0.09
N MET A 397 1.34 -15.00 0.92
CA MET A 397 -0.07 -14.63 0.96
C MET A 397 -0.31 -13.31 1.70
N VAL A 398 0.45 -13.09 2.78
CA VAL A 398 0.37 -11.84 3.53
C VAL A 398 0.95 -10.66 2.74
N GLU A 399 2.11 -10.88 2.11
CA GLU A 399 2.74 -9.85 1.28
C GLU A 399 1.85 -9.42 0.13
N GLN A 400 1.18 -10.40 -0.49
CA GLN A 400 0.21 -10.12 -1.55
C GLN A 400 -0.93 -9.25 -1.00
N GLU A 401 -1.40 -9.59 0.20
CA GLU A 401 -2.47 -8.82 0.85
C GLU A 401 -2.02 -7.40 1.17
N PHE A 402 -0.74 -7.25 1.56
CA PHE A 402 -0.15 -5.94 1.81
C PHE A 402 -0.29 -5.04 0.57
N ASN A 403 0.25 -5.51 -0.55
CA ASN A 403 0.20 -4.78 -1.81
C ASN A 403 -1.22 -4.52 -2.27
N ARG A 404 -2.09 -5.49 -1.98
CA ARG A 404 -3.51 -5.36 -2.26
C ARG A 404 -4.14 -4.23 -1.46
N LEU A 405 -3.83 -4.19 -0.16
CA LEU A 405 -4.34 -3.13 0.72
C LEU A 405 -3.92 -1.73 0.27
N LEU A 406 -2.71 -1.63 -0.28
CA LEU A 406 -2.20 -0.35 -0.79
C LEU A 406 -2.94 0.16 -2.02
N GLU A 407 -3.13 -0.71 -3.00
CA GLU A 407 -3.90 -0.36 -4.19
C GLU A 407 -5.31 0.07 -3.79
N ALA A 408 -5.84 -0.63 -2.79
CA ALA A 408 -7.14 -0.32 -2.23
C ALA A 408 -7.21 1.11 -1.69
N THR A 409 -6.19 1.55 -0.96
CA THR A 409 -6.14 2.92 -0.44
C THR A 409 -6.10 3.95 -1.57
N SER A 410 -5.40 3.61 -2.65
CA SER A 410 -5.36 4.45 -3.84
C SER A 410 -6.76 4.62 -4.43
N TYR A 411 -7.51 3.53 -4.50
CA TYR A 411 -8.90 3.54 -4.96
C TYR A 411 -9.73 4.52 -4.12
N LEU A 412 -9.52 4.51 -2.81
CA LEU A 412 -10.20 5.46 -1.92
C LEU A 412 -9.78 6.89 -2.22
N SER A 413 -8.48 7.10 -2.39
CA SER A 413 -7.91 8.43 -2.61
C SER A 413 -8.37 9.04 -3.93
N HIS A 414 -8.19 8.29 -5.02
CA HIS A 414 -8.42 8.82 -6.35
C HIS A 414 -9.82 8.61 -6.87
N GLN A 415 -10.38 7.40 -6.67
CA GLN A 415 -11.67 7.04 -7.25
C GLN A 415 -12.87 7.48 -6.40
N LEU A 416 -12.72 7.46 -5.07
CA LEU A 416 -13.82 7.85 -4.18
C LEU A 416 -13.59 9.21 -3.50
N ASP A 417 -12.48 9.86 -3.84
CA ASP A 417 -12.07 11.15 -3.27
C ASP A 417 -12.22 11.18 -1.73
N PHE A 418 -11.62 10.19 -1.07
CA PHE A 418 -11.62 10.10 0.38
C PHE A 418 -10.35 10.75 0.92
N ASN A 419 -10.26 12.07 0.79
CA ASN A 419 -9.04 12.80 1.12
C ASN A 419 -9.16 13.78 2.28
N VAL A 420 -10.38 14.23 2.56
CA VAL A 420 -10.65 15.07 3.71
C VAL A 420 -11.69 14.38 4.59
N LEU A 421 -11.50 14.45 5.90
CA LEU A 421 -12.50 13.95 6.85
C LEU A 421 -12.55 14.85 8.09
N ASN A 422 -13.67 15.55 8.25
CA ASN A 422 -13.88 16.51 9.35
C ASN A 422 -12.85 17.64 9.33
N ASN A 423 -12.70 18.27 8.16
CA ASN A 423 -11.72 19.36 7.94
C ASN A 423 -10.25 18.92 8.00
N LYS A 424 -10.00 17.75 8.58
CA LYS A 424 -8.66 17.20 8.67
C LYS A 424 -8.33 16.31 7.47
N PRO A 425 -7.12 16.45 6.90
CA PRO A 425 -6.69 15.64 5.76
C PRO A 425 -6.42 14.19 6.16
N VAL A 426 -6.86 13.25 5.32
CA VAL A 426 -6.72 11.83 5.58
C VAL A 426 -5.29 11.33 5.40
N SER A 427 -4.79 10.57 6.36
CA SER A 427 -3.47 9.96 6.26
C SER A 427 -3.57 8.53 5.76
N LEU A 428 -2.52 8.08 5.09
CA LEU A 428 -2.42 6.69 4.57
C LEU A 428 -2.72 5.67 5.67
N GLY A 429 -2.28 5.98 6.89
CA GLY A 429 -2.55 5.15 8.06
C GLY A 429 -4.03 4.96 8.31
N GLN A 430 -4.80 6.06 8.20
CA GLN A 430 -6.25 6.00 8.38
C GLN A 430 -6.90 5.17 7.28
N ALA A 431 -6.60 5.51 6.04
CA ALA A 431 -7.16 4.83 4.88
C ALA A 431 -6.90 3.32 4.91
N LEU A 432 -5.74 2.92 5.41
CA LEU A 432 -5.42 1.51 5.59
C LEU A 432 -6.38 0.84 6.58
N GLU A 433 -6.59 1.49 7.72
CA GLU A 433 -7.55 1.01 8.73
C GLU A 433 -8.97 0.89 8.17
N VAL A 434 -9.41 1.93 7.47
CA VAL A 434 -10.72 1.91 6.80
C VAL A 434 -10.82 0.67 5.91
N VAL A 435 -9.82 0.46 5.05
CA VAL A 435 -9.81 -0.64 4.10
C VAL A 435 -9.73 -2.00 4.79
N ILE A 436 -8.96 -2.07 5.87
CA ILE A 436 -8.87 -3.31 6.65
C ILE A 436 -10.22 -3.62 7.29
N GLN A 437 -10.85 -2.61 7.87
CA GLN A 437 -12.16 -2.75 8.52
C GLN A 437 -13.24 -3.16 7.54
N LEU A 438 -13.23 -2.55 6.34
CA LEU A 438 -14.15 -2.92 5.28
C LEU A 438 -13.98 -4.38 4.84
N GLN A 439 -12.78 -4.91 5.03
CA GLN A 439 -12.51 -6.31 4.71
C GLN A 439 -12.99 -7.24 5.82
N GLU A 440 -12.80 -6.82 7.06
CA GLU A 440 -13.33 -7.56 8.21
C GLU A 440 -14.85 -7.52 8.24
N LYS A 441 -15.42 -6.41 7.80
CA LYS A 441 -16.86 -6.26 7.67
C LYS A 441 -17.41 -7.29 6.69
N HIS A 442 -16.91 -7.26 5.46
CA HIS A 442 -17.33 -8.20 4.42
C HIS A 442 -17.21 -9.64 4.84
N VAL A 443 -16.18 -9.98 5.59
CA VAL A 443 -16.00 -11.35 6.10
C VAL A 443 -17.19 -11.79 6.94
N LYS A 444 -17.70 -10.86 7.75
CA LYS A 444 -18.89 -11.09 8.58
C LYS A 444 -20.19 -11.08 7.79
N ASP A 445 -20.33 -10.11 6.88
CA ASP A 445 -21.50 -10.04 6.00
C ASP A 445 -21.71 -11.32 5.18
N GLU A 446 -20.60 -11.95 4.79
CA GLU A 446 -20.65 -13.22 4.07
C GLU A 446 -21.05 -14.36 4.99
N GLN A 447 -20.62 -14.28 6.24
CA GLN A 447 -21.01 -15.27 7.25
C GLN A 447 -22.48 -15.09 7.62
N ILE A 448 -22.88 -13.84 7.84
CA ILE A 448 -24.27 -13.53 8.14
C ILE A 448 -25.18 -14.09 7.06
N GLU A 449 -24.97 -13.70 5.81
CA GLU A 449 -25.87 -14.15 4.73
C GLU A 449 -25.78 -15.67 4.44
N HIS A 450 -24.83 -16.34 5.07
CA HIS A 450 -24.69 -17.80 4.94
C HIS A 450 -25.52 -18.52 5.95
N TRP A 451 -25.45 -18.07 7.20
CA TRP A 451 -26.31 -18.61 8.26
C TRP A 451 -27.74 -18.15 8.09
N LYS A 452 -27.89 -16.92 7.60
CA LYS A 452 -29.17 -16.36 7.19
C LYS A 452 -29.82 -17.27 6.14
N LYS A 453 -28.99 -18.01 5.42
CA LYS A 453 -29.43 -18.93 4.39
C LYS A 453 -29.72 -20.31 5.00
N ILE A 454 -29.04 -20.63 6.09
CA ILE A 454 -29.31 -21.88 6.81
C ILE A 454 -30.69 -21.79 7.48
N VAL A 455 -30.92 -20.72 8.24
CA VAL A 455 -32.21 -20.51 8.92
C VAL A 455 -33.41 -20.59 7.96
N LYS A 456 -33.21 -20.12 6.72
CA LYS A 456 -34.28 -20.17 5.72
C LYS A 456 -34.55 -21.60 5.24
N THR A 457 -33.50 -22.39 5.12
CA THR A 457 -33.61 -23.80 4.76
C THR A 457 -34.05 -24.61 5.97
N GLN A 458 -33.65 -24.13 7.15
CA GLN A 458 -34.07 -24.68 8.42
C GLN A 458 -35.58 -24.53 8.61
N GLU A 459 -36.11 -23.40 8.15
CA GLU A 459 -37.54 -23.13 8.19
C GLU A 459 -38.28 -23.96 7.14
N GLU A 460 -37.80 -23.89 5.90
CA GLU A 460 -38.41 -24.62 4.79
C GLU A 460 -38.64 -26.10 5.13
N LEU A 461 -37.77 -26.66 5.96
CA LEU A 461 -37.90 -28.03 6.40
C LEU A 461 -39.02 -28.17 7.44
N LYS A 462 -39.05 -27.23 8.39
CA LYS A 462 -40.04 -27.21 9.47
C LYS A 462 -41.46 -27.18 8.90
N GLU A 463 -41.70 -26.27 7.95
CA GLU A 463 -42.99 -26.18 7.26
C GLU A 463 -43.36 -27.49 6.57
N LEU A 464 -42.36 -28.14 5.98
CA LEU A 464 -42.56 -29.43 5.32
C LEU A 464 -42.83 -30.53 6.35
N LEU A 465 -42.12 -30.47 7.48
CA LEU A 465 -42.27 -31.49 8.52
C LEU A 465 -43.64 -31.47 9.17
N ASN A 466 -44.14 -30.26 9.46
CA ASN A 466 -45.49 -30.08 9.98
C ASN A 466 -46.54 -30.67 9.03
N LYS A 467 -46.40 -30.36 7.74
CA LYS A 467 -47.25 -30.95 6.70
C LYS A 467 -47.11 -32.47 6.67
N MET A 468 -45.88 -32.97 6.82
CA MET A 468 -45.63 -34.41 6.82
C MET A 468 -46.23 -35.13 8.03
N VAL A 469 -46.23 -34.45 9.19
CA VAL A 469 -46.85 -35.00 10.40
C VAL A 469 -48.37 -35.10 10.25
N ASN A 470 -49.01 -34.01 9.84
CA ASN A 470 -50.46 -33.96 9.63
C ASN A 470 -50.96 -34.93 8.56
N LEU A 471 -50.11 -35.23 7.59
CA LEU A 471 -50.47 -36.21 6.57
C LEU A 471 -50.37 -37.63 7.10
N LYS A 472 -49.35 -37.91 7.91
CA LYS A 472 -49.22 -39.24 8.52
C LYS A 472 -50.39 -39.50 9.47
N GLU A 473 -50.95 -38.41 10.00
CA GLU A 473 -52.12 -38.47 10.86
C GLU A 473 -53.34 -38.93 10.08
N LYS A 474 -53.55 -38.33 8.91
CA LYS A 474 -54.71 -38.66 8.08
C LYS A 474 -54.58 -40.01 7.40
N ILE A 475 -53.35 -40.44 7.13
CA ILE A 475 -53.08 -41.75 6.54
C ILE A 475 -53.35 -42.84 7.58
N LYS A 476 -52.99 -42.54 8.82
CA LYS A 476 -53.23 -43.43 9.96
C LYS A 476 -54.73 -43.65 10.15
N GLU A 477 -55.49 -42.57 9.96
CA GLU A 477 -56.94 -42.59 10.09
C GLU A 477 -57.59 -43.28 8.89
N LEU A 478 -57.20 -42.89 7.68
CA LEU A 478 -57.73 -43.46 6.44
C LEU A 478 -57.40 -44.93 6.26
N HIS A 479 -56.39 -45.41 6.97
CA HIS A 479 -56.05 -46.83 6.92
C HIS A 479 -57.05 -47.64 7.69
N GLN A 480 -57.48 -47.08 8.82
CA GLN A 480 -58.50 -47.72 9.67
C GLN A 480 -59.84 -47.83 8.93
N GLN A 481 -60.24 -46.74 8.26
CA GLN A 481 -61.46 -46.72 7.48
C GLN A 481 -61.44 -47.75 6.35
N TYR A 482 -60.28 -47.89 5.70
CA TYR A 482 -60.10 -48.90 4.67
C TYR A 482 -60.13 -50.29 5.27
N LYS A 483 -59.37 -50.48 6.34
CA LYS A 483 -59.29 -51.76 7.05
C LYS A 483 -60.70 -52.28 7.40
N GLU A 484 -61.50 -51.41 8.03
CA GLU A 484 -62.87 -51.74 8.44
C GLU A 484 -63.80 -52.07 7.28
N ALA A 485 -63.70 -51.29 6.20
CA ALA A 485 -64.50 -51.52 5.00
C ALA A 485 -64.12 -52.83 4.31
N SER A 486 -62.89 -53.29 4.51
CA SER A 486 -62.41 -54.54 3.94
C SER A 486 -62.94 -55.76 4.70
N GLU A 487 -63.34 -55.55 5.95
CA GLU A 487 -63.87 -56.64 6.79
C GLU A 487 -65.23 -57.14 6.29
N VAL A 488 -66.01 -56.24 5.69
CA VAL A 488 -67.29 -56.61 5.07
C VAL A 488 -67.02 -57.60 3.95
N LYS A 489 -67.01 -58.89 4.31
CA LYS A 489 -66.66 -59.97 3.41
C LYS A 489 -67.64 -60.12 2.24
N PRO A 490 -67.11 -60.35 1.02
CA PRO A 490 -67.93 -60.63 -0.17
C PRO A 490 -68.85 -61.85 0.03
N PRO A 491 -70.00 -61.89 -0.67
CA PRO A 491 -70.45 -60.90 -1.65
C PRO A 491 -71.10 -59.68 -1.01
N ARG A 492 -70.93 -58.52 -1.64
CA ARG A 492 -71.45 -57.26 -1.13
C ARG A 492 -72.09 -56.44 -2.24
N ASP A 493 -72.97 -55.54 -1.85
CA ASP A 493 -73.62 -54.66 -2.81
C ASP A 493 -72.60 -53.65 -3.32
N ILE A 494 -72.90 -53.05 -4.46
CA ILE A 494 -71.98 -52.14 -5.12
C ILE A 494 -71.55 -50.90 -4.32
N THR A 495 -72.37 -50.44 -3.38
CA THR A 495 -72.00 -49.26 -2.60
C THR A 495 -71.01 -49.64 -1.51
N ALA A 496 -71.11 -50.88 -1.04
CA ALA A 496 -70.13 -51.42 -0.11
C ALA A 496 -68.82 -51.71 -0.85
N GLU A 497 -68.96 -52.27 -2.05
CA GLU A 497 -67.83 -52.52 -2.95
C GLU A 497 -67.07 -51.24 -3.24
N PHE A 498 -67.81 -50.22 -3.65
CA PHE A 498 -67.26 -48.90 -3.96
C PHE A 498 -66.48 -48.34 -2.78
N LEU A 499 -66.98 -48.59 -1.57
CA LEU A 499 -66.36 -48.04 -0.37
C LEU A 499 -64.93 -48.54 -0.20
N VAL A 500 -64.73 -49.84 -0.36
CA VAL A 500 -63.40 -50.46 -0.31
C VAL A 500 -62.49 -49.84 -1.36
N LYS A 501 -62.93 -49.91 -2.62
CA LYS A 501 -62.22 -49.36 -3.76
C LYS A 501 -61.93 -47.87 -3.63
N SER A 502 -62.90 -47.14 -3.06
CA SER A 502 -62.81 -45.69 -2.90
C SER A 502 -61.84 -45.31 -1.80
N LYS A 503 -61.96 -45.97 -0.64
CA LYS A 503 -61.02 -45.75 0.46
C LYS A 503 -59.63 -46.16 0.03
N HIS A 504 -59.54 -47.20 -0.80
CA HIS A 504 -58.26 -47.64 -1.35
C HIS A 504 -57.57 -46.53 -2.12
N ARG A 505 -58.28 -45.96 -3.10
CA ARG A 505 -57.74 -44.86 -3.90
C ARG A 505 -57.33 -43.69 -3.02
N ASP A 506 -58.23 -43.26 -2.15
CA ASP A 506 -57.99 -42.10 -1.27
C ASP A 506 -56.74 -42.28 -0.41
N LEU A 507 -56.45 -43.51 -0.03
CA LEU A 507 -55.30 -43.83 0.80
C LEU A 507 -54.00 -43.90 0.00
N THR A 508 -54.03 -44.58 -1.15
CA THR A 508 -52.85 -44.67 -2.00
C THR A 508 -52.43 -43.30 -2.54
N ALA A 509 -53.40 -42.41 -2.71
CA ALA A 509 -53.13 -41.03 -3.13
C ALA A 509 -52.40 -40.26 -2.04
N LEU A 510 -52.78 -40.50 -0.80
CA LEU A 510 -52.14 -39.82 0.33
C LEU A 510 -50.79 -40.40 0.68
N CYS A 511 -50.59 -41.68 0.35
CA CYS A 511 -49.29 -42.31 0.48
C CYS A 511 -48.34 -41.76 -0.57
N LYS A 512 -48.84 -41.59 -1.79
CA LYS A 512 -48.12 -40.93 -2.88
C LYS A 512 -47.54 -39.60 -2.39
N GLU A 513 -48.43 -38.68 -2.02
CA GLU A 513 -48.04 -37.37 -1.48
C GLU A 513 -46.91 -37.44 -0.46
N TYR A 514 -47.05 -38.35 0.51
CA TYR A 514 -46.08 -38.47 1.60
C TYR A 514 -44.71 -38.90 1.09
N ASP A 515 -44.69 -39.78 0.09
CA ASP A 515 -43.44 -40.21 -0.53
C ASP A 515 -42.79 -39.06 -1.30
N GLU A 516 -43.63 -38.22 -1.90
CA GLU A 516 -43.16 -37.03 -2.62
C GLU A 516 -42.70 -35.94 -1.66
N LEU A 517 -43.28 -35.93 -0.47
CA LEU A 517 -42.89 -34.99 0.58
C LEU A 517 -41.65 -35.49 1.32
N ALA A 518 -41.47 -36.81 1.35
CA ALA A 518 -40.26 -37.41 1.92
C ALA A 518 -39.07 -37.27 0.96
N GLU A 519 -39.38 -37.20 -0.34
CA GLU A 519 -38.40 -36.89 -1.38
C GLU A 519 -37.79 -35.49 -1.12
N THR A 520 -38.66 -34.50 -0.94
CA THR A 520 -38.26 -33.12 -0.66
C THR A 520 -37.56 -32.99 0.70
N GLN A 521 -37.90 -33.86 1.64
CA GLN A 521 -37.23 -33.88 2.94
C GLN A 521 -35.77 -34.26 2.78
N GLY A 522 -35.50 -35.33 2.03
CA GLY A 522 -34.15 -35.81 1.79
C GLY A 522 -33.27 -34.76 1.12
N LYS A 523 -33.87 -34.01 0.20
CA LYS A 523 -33.16 -32.97 -0.54
C LYS A 523 -32.80 -31.77 0.34
N LEU A 524 -33.76 -31.30 1.14
CA LEU A 524 -33.50 -30.22 2.09
C LEU A 524 -32.56 -30.66 3.21
N GLU A 525 -32.54 -31.96 3.50
CA GLU A 525 -31.75 -32.50 4.60
C GLU A 525 -30.27 -32.52 4.25
N GLU A 526 -29.95 -32.92 3.02
CA GLU A 526 -28.58 -32.96 2.54
C GLU A 526 -28.09 -31.58 2.13
N LYS A 527 -29.01 -30.72 1.72
CA LYS A 527 -28.70 -29.31 1.43
C LYS A 527 -28.26 -28.57 2.69
N LEU A 528 -28.79 -28.99 3.84
CA LEU A 528 -28.39 -28.42 5.12
C LEU A 528 -27.05 -28.99 5.60
N GLN A 529 -26.77 -30.23 5.23
CA GLN A 529 -25.47 -30.84 5.53
C GLN A 529 -24.39 -30.31 4.58
N GLU A 530 -24.84 -29.81 3.44
CA GLU A 530 -23.97 -29.14 2.46
C GLU A 530 -23.50 -27.78 2.98
N LEU A 531 -24.42 -26.98 3.51
CA LEU A 531 -24.11 -25.64 3.98
C LEU A 531 -23.28 -25.63 5.26
N GLU A 532 -23.60 -26.54 6.17
CA GLU A 532 -22.88 -26.62 7.44
C GLU A 532 -21.51 -27.27 7.26
N ALA A 533 -21.36 -28.06 6.20
CA ALA A 533 -20.08 -28.69 5.86
C ALA A 533 -19.02 -27.67 5.50
N ASN A 534 -19.42 -26.65 4.73
CA ASN A 534 -18.46 -25.65 4.23
C ASN A 534 -18.97 -24.20 4.26
N PRO A 535 -18.72 -23.49 5.38
CA PRO A 535 -19.02 -22.06 5.49
C PRO A 535 -18.02 -21.21 4.68
N PRO A 536 -18.30 -19.90 4.53
CA PRO A 536 -17.30 -19.02 3.91
C PRO A 536 -16.13 -18.75 4.87
N SER A 537 -15.34 -17.72 4.57
CA SER A 537 -14.17 -17.36 5.36
C SER A 537 -14.53 -17.12 6.83
N ASP A 538 -13.81 -17.80 7.72
CA ASP A 538 -13.96 -17.68 9.16
C ASP A 538 -13.51 -16.29 9.64
N VAL A 539 -12.25 -15.94 9.37
CA VAL A 539 -11.69 -14.64 9.73
C VAL A 539 -10.94 -14.01 8.54
N TYR A 540 -10.70 -12.69 8.63
CA TYR A 540 -9.93 -11.98 7.61
C TYR A 540 -8.42 -12.17 7.80
N LEU A 541 -7.93 -11.90 9.01
CA LEU A 541 -6.52 -12.09 9.36
C LEU A 541 -6.39 -12.60 10.79
N SER A 542 -5.70 -13.72 10.96
CA SER A 542 -5.41 -14.26 12.29
C SER A 542 -4.42 -13.36 13.04
N SER A 543 -4.22 -13.63 14.33
CA SER A 543 -3.22 -12.92 15.12
C SER A 543 -1.86 -12.96 14.43
N ARG A 544 -1.49 -14.15 13.98
CA ARG A 544 -0.22 -14.39 13.32
C ARG A 544 -0.17 -13.66 11.97
N ASP A 545 -1.29 -13.67 11.24
CA ASP A 545 -1.41 -12.93 9.98
C ASP A 545 -1.15 -11.44 10.16
N ARG A 546 -1.88 -10.82 11.09
CA ARG A 546 -1.80 -9.39 11.34
C ARG A 546 -0.40 -8.94 11.76
N GLN A 547 0.25 -9.72 12.61
CA GLN A 547 1.63 -9.44 13.02
C GLN A 547 2.59 -9.38 11.84
N ILE A 548 2.46 -10.33 10.92
CA ILE A 548 3.27 -10.38 9.70
C ILE A 548 2.95 -9.19 8.78
N LEU A 549 1.67 -8.83 8.69
CA LEU A 549 1.25 -7.65 7.93
C LEU A 549 1.77 -6.36 8.57
N ASP A 550 1.84 -6.35 9.89
CA ASP A 550 2.38 -5.21 10.63
C ASP A 550 3.85 -4.99 10.34
N TRP A 551 4.59 -6.09 10.16
CA TRP A 551 5.98 -6.02 9.72
C TRP A 551 6.08 -5.29 8.41
N HIS A 552 5.24 -5.69 7.45
CA HIS A 552 5.20 -5.02 6.16
C HIS A 552 4.90 -3.55 6.27
N PHE A 553 4.07 -3.17 7.23
CA PHE A 553 3.85 -1.75 7.50
C PHE A 553 5.10 -1.09 8.06
N ALA A 554 5.74 -1.75 9.03
CA ALA A 554 7.03 -1.29 9.57
C ALA A 554 8.03 -1.00 8.45
N ASN A 555 8.07 -1.89 7.45
CA ASN A 555 8.86 -1.63 6.26
C ASN A 555 8.50 -0.28 5.63
N LEU A 556 7.21 -0.08 5.32
CA LEU A 556 6.71 1.18 4.76
C LEU A 556 6.90 2.38 5.70
N GLU A 557 6.84 2.15 7.00
CA GLU A 557 7.13 3.19 7.99
C GLU A 557 8.61 3.56 7.95
N PHE A 558 9.47 2.57 7.76
CA PHE A 558 10.90 2.82 7.55
C PHE A 558 11.18 3.53 6.21
N ALA A 559 10.54 3.04 5.16
CA ALA A 559 10.73 3.60 3.83
C ALA A 559 10.53 5.12 3.83
N ASN A 560 9.55 5.57 4.62
CA ASN A 560 9.20 6.98 4.67
C ASN A 560 9.70 7.65 5.92
N ALA A 561 10.29 6.86 6.82
CA ALA A 561 10.82 7.35 8.09
C ALA A 561 9.75 8.03 8.95
N THR A 562 8.55 7.46 8.96
CA THR A 562 7.43 8.04 9.72
C THR A 562 6.27 7.06 9.88
N PRO A 563 5.57 7.11 11.03
CA PRO A 563 4.34 6.35 11.21
C PRO A 563 3.33 6.69 10.12
N LEU A 564 2.70 5.65 9.57
CA LEU A 564 1.83 5.79 8.40
C LEU A 564 0.63 6.71 8.67
N SER A 565 0.35 6.89 9.96
CA SER A 565 -0.71 7.78 10.44
C SER A 565 -0.44 9.27 10.17
N THR A 566 0.72 9.60 9.62
CA THR A 566 1.12 10.99 9.34
C THR A 566 1.22 11.28 7.84
N LEU A 567 1.43 10.22 7.04
CA LEU A 567 1.66 10.33 5.60
C LEU A 567 0.40 10.77 4.86
N SER A 568 0.54 11.75 3.97
CA SER A 568 -0.55 12.15 3.10
C SER A 568 -1.02 10.98 2.22
N LEU A 569 -2.30 10.65 2.31
CA LEU A 569 -2.87 9.56 1.52
C LEU A 569 -2.73 9.81 0.02
N LYS A 570 -2.94 11.05 -0.40
CA LYS A 570 -2.91 11.41 -1.81
C LYS A 570 -1.49 11.51 -2.37
N HIS A 571 -0.57 12.10 -1.59
CA HIS A 571 0.74 12.52 -2.09
C HIS A 571 1.94 11.82 -1.51
N TRP A 572 1.73 10.89 -0.60
CA TRP A 572 2.86 10.21 0.04
C TRP A 572 3.83 9.59 -0.94
N ASP A 573 3.32 9.24 -2.12
CA ASP A 573 4.12 8.53 -3.12
C ASP A 573 4.33 9.34 -4.40
N GLN A 574 4.00 10.63 -4.35
CA GLN A 574 4.07 11.52 -5.53
C GLN A 574 5.39 11.46 -6.31
N ASP A 575 6.47 11.14 -5.61
CA ASP A 575 7.82 11.10 -6.20
C ASP A 575 8.18 9.75 -6.81
N ASP A 576 7.17 8.90 -7.05
CA ASP A 576 7.41 7.53 -7.48
C ASP A 576 7.79 7.40 -8.96
N ASP A 577 7.17 8.20 -9.82
CA ASP A 577 7.41 8.15 -11.26
C ASP A 577 8.86 8.37 -11.65
N PHE A 578 9.63 8.98 -10.75
CA PHE A 578 10.98 9.43 -11.05
C PHE A 578 12.03 8.46 -10.54
N GLU A 579 11.56 7.36 -9.95
CA GLU A 579 12.44 6.29 -9.46
C GLU A 579 13.42 5.85 -10.55
N PHE A 580 14.66 5.59 -10.14
CA PHE A 580 15.72 5.15 -11.05
C PHE A 580 15.57 3.68 -11.44
N THR A 581 16.03 3.32 -12.64
CA THR A 581 16.06 1.91 -13.05
C THR A 581 17.31 1.20 -12.54
N GLY A 582 17.29 -0.12 -12.57
CA GLY A 582 18.40 -0.92 -12.08
C GLY A 582 18.21 -1.30 -10.62
N SER A 583 18.96 -2.30 -10.18
CA SER A 583 18.85 -2.79 -8.82
C SER A 583 19.56 -1.89 -7.84
N HIS A 584 19.15 -1.96 -6.58
CA HIS A 584 19.70 -1.13 -5.52
C HIS A 584 21.04 -1.64 -5.09
N LEU A 585 21.87 -0.74 -4.57
CA LEU A 585 23.22 -1.08 -4.16
C LEU A 585 23.60 -0.39 -2.86
N THR A 586 24.53 -0.99 -2.12
CA THR A 586 25.07 -0.36 -0.92
C THR A 586 26.55 -0.04 -1.11
N VAL A 587 27.03 0.95 -0.37
CA VAL A 587 28.43 1.36 -0.43
C VAL A 587 29.21 0.54 0.57
N ARG A 588 29.88 -0.50 0.06
CA ARG A 588 30.60 -1.47 0.89
C ARG A 588 31.72 -0.83 1.73
N ASN A 589 32.29 0.26 1.22
CA ASN A 589 33.32 1.01 1.93
C ASN A 589 32.79 2.23 2.68
N GLY A 590 31.47 2.29 2.83
CA GLY A 590 30.83 3.39 3.57
C GLY A 590 30.61 4.60 2.68
N TYR A 591 29.41 5.17 2.77
CA TYR A 591 28.98 6.28 1.91
C TYR A 591 29.85 7.53 2.08
N SER A 592 30.53 7.64 3.22
CA SER A 592 31.32 8.82 3.58
C SER A 592 32.43 9.19 2.60
N CYS A 593 32.84 8.24 1.76
CA CYS A 593 33.83 8.51 0.74
C CYS A 593 33.38 9.64 -0.19
N VAL A 594 32.07 9.79 -0.35
CA VAL A 594 31.48 10.80 -1.25
C VAL A 594 31.51 12.24 -0.71
N PRO A 595 31.03 12.47 0.53
CA PRO A 595 31.20 13.82 1.11
C PRO A 595 32.65 14.23 1.24
N VAL A 596 33.45 13.38 1.90
CA VAL A 596 34.89 13.62 2.09
C VAL A 596 35.60 13.90 0.76
N ALA A 597 35.21 13.16 -0.28
CA ALA A 597 35.72 13.41 -1.62
C ALA A 597 35.36 14.83 -2.10
N LEU A 598 34.07 15.16 -2.05
CA LEU A 598 33.58 16.46 -2.51
C LEU A 598 34.13 17.61 -1.68
N ALA A 599 34.29 17.38 -0.39
CA ALA A 599 34.78 18.41 0.55
C ALA A 599 36.14 18.96 0.16
N GLU A 600 37.00 18.07 -0.35
CA GLU A 600 38.39 18.38 -0.64
C GLU A 600 38.53 19.56 -1.59
N GLY A 601 39.27 20.58 -1.13
CA GLY A 601 39.58 21.75 -1.92
C GLY A 601 38.65 22.93 -1.66
N LEU A 602 37.93 22.87 -0.54
CA LEU A 602 36.93 23.89 -0.23
C LEU A 602 37.13 24.52 1.14
N ASP A 603 36.91 25.82 1.23
CA ASP A 603 36.95 26.52 2.51
C ASP A 603 35.74 26.13 3.40
N ILE A 604 35.97 25.15 4.27
CA ILE A 604 34.95 24.67 5.20
C ILE A 604 35.33 25.03 6.63
N LYS A 605 34.41 25.69 7.32
CA LYS A 605 34.61 26.05 8.72
C LYS A 605 33.81 25.09 9.60
N LEU A 606 34.48 24.03 10.08
CA LEU A 606 33.85 23.08 10.98
C LEU A 606 33.69 23.68 12.37
N ASN A 607 32.75 23.15 13.14
CA ASN A 607 32.49 23.60 14.50
C ASN A 607 32.03 25.05 14.56
N THR A 608 31.12 25.40 13.65
CA THR A 608 30.62 26.77 13.52
C THR A 608 29.09 26.81 13.36
N ALA A 609 28.40 27.08 14.46
CA ALA A 609 26.93 27.01 14.46
C ALA A 609 26.26 28.33 14.11
N VAL A 610 25.65 28.38 12.93
CA VAL A 610 24.96 29.59 12.47
C VAL A 610 23.75 29.91 13.36
N ARG A 611 23.80 31.07 14.01
CA ARG A 611 22.76 31.48 14.95
C ARG A 611 21.73 32.43 14.34
N GLN A 612 22.19 33.27 13.41
CA GLN A 612 21.31 34.22 12.75
C GLN A 612 21.75 34.55 11.33
N VAL A 613 20.78 34.53 10.41
CA VAL A 613 21.00 34.95 9.03
C VAL A 613 20.28 36.28 8.80
N ARG A 614 21.05 37.27 8.35
CA ARG A 614 20.55 38.60 8.02
C ARG A 614 20.79 38.94 6.55
N TYR A 615 19.70 39.17 5.83
CA TYR A 615 19.72 39.50 4.41
C TYR A 615 18.99 40.82 4.17
N THR A 616 19.61 41.71 3.40
CA THR A 616 18.97 42.97 2.98
C THR A 616 19.47 43.42 1.62
N ALA A 617 18.75 44.38 1.04
CA ALA A 617 19.01 44.90 -0.30
C ALA A 617 20.47 44.79 -0.75
N SER A 618 21.39 45.36 0.03
CA SER A 618 22.79 45.48 -0.37
C SER A 618 23.67 44.28 -0.03
N GLY A 619 23.12 43.32 0.70
CA GLY A 619 23.88 42.11 1.02
C GLY A 619 23.47 41.34 2.25
N CYS A 620 24.36 40.41 2.66
CA CYS A 620 24.08 39.47 3.74
C CYS A 620 25.20 39.37 4.76
N GLU A 621 24.80 39.15 6.01
CA GLU A 621 25.72 38.83 7.10
C GLU A 621 25.25 37.60 7.87
N VAL A 622 26.22 36.75 8.22
CA VAL A 622 25.93 35.49 8.91
C VAL A 622 26.54 35.48 10.31
N ILE A 623 25.67 35.45 11.32
CA ILE A 623 26.09 35.44 12.73
C ILE A 623 26.24 33.99 13.21
N ALA A 624 27.48 33.59 13.44
CA ALA A 624 27.81 32.21 13.81
C ALA A 624 28.72 32.14 15.03
N VAL A 625 28.48 31.14 15.89
CA VAL A 625 29.31 30.91 17.08
C VAL A 625 30.17 29.65 16.94
N ASN A 626 31.24 29.57 17.72
CA ASN A 626 32.04 28.35 17.78
C ASN A 626 31.36 27.36 18.71
N THR A 627 31.15 26.14 18.21
CA THR A 627 30.41 25.10 18.96
C THR A 627 31.09 24.68 20.27
N ARG A 628 32.41 24.80 20.31
CA ARG A 628 33.19 24.44 21.50
C ARG A 628 33.04 25.47 22.64
N SER A 629 33.40 26.73 22.39
CA SER A 629 33.11 27.81 23.32
C SER A 629 31.96 28.69 22.78
N THR A 630 30.76 28.45 23.30
CA THR A 630 29.51 28.94 22.70
C THR A 630 29.31 30.46 22.73
N SER A 631 29.88 31.13 23.72
CA SER A 631 29.71 32.59 23.87
C SER A 631 30.68 33.41 23.02
N GLN A 632 31.52 32.72 22.25
CA GLN A 632 32.48 33.35 21.35
C GLN A 632 31.89 33.39 19.92
N THR A 633 32.07 34.52 19.21
CA THR A 633 31.28 34.80 17.98
C THR A 633 32.10 35.11 16.70
N PHE A 634 31.49 34.81 15.55
CA PHE A 634 32.01 35.16 14.22
C PHE A 634 30.96 35.91 13.39
N ILE A 635 31.44 36.84 12.55
CA ILE A 635 30.55 37.56 11.60
C ILE A 635 31.04 37.38 10.16
N TYR A 636 30.11 36.94 9.31
CA TYR A 636 30.40 36.66 7.90
C TYR A 636 29.57 37.54 6.96
N LYS A 637 30.28 38.31 6.14
CA LYS A 637 29.66 39.17 5.13
C LYS A 637 29.73 38.50 3.77
N CYS A 638 28.60 38.53 3.06
CA CYS A 638 28.49 37.88 1.75
C CYS A 638 27.41 38.50 0.89
N ASP A 639 27.52 38.25 -0.42
CA ASP A 639 26.53 38.68 -1.40
C ASP A 639 25.24 37.85 -1.33
N ALA A 640 25.40 36.53 -1.20
CA ALA A 640 24.28 35.60 -1.13
C ALA A 640 24.55 34.42 -0.21
N VAL A 641 23.50 33.95 0.46
CA VAL A 641 23.57 32.80 1.38
C VAL A 641 22.78 31.61 0.86
N LEU A 642 23.43 30.46 0.83
CA LEU A 642 22.76 29.20 0.53
C LEU A 642 22.53 28.40 1.80
N CYS A 643 21.25 28.23 2.14
CA CYS A 643 20.82 27.58 3.36
C CYS A 643 20.57 26.10 3.05
N THR A 644 21.35 25.22 3.67
CA THR A 644 21.14 23.78 3.48
C THR A 644 20.72 23.11 4.80
N LEU A 645 20.13 23.94 5.68
CA LEU A 645 19.67 23.49 7.00
C LEU A 645 18.56 22.46 6.87
N PRO A 646 18.77 21.26 7.45
CA PRO A 646 17.77 20.20 7.50
C PRO A 646 16.41 20.73 7.92
N LEU A 647 15.33 20.24 7.31
CA LEU A 647 13.97 20.74 7.58
C LEU A 647 13.65 20.78 9.08
N GLY A 648 13.99 19.70 9.79
CA GLY A 648 13.85 19.64 11.24
C GLY A 648 14.57 20.72 12.00
N VAL A 649 15.62 21.28 11.42
CA VAL A 649 16.33 22.40 12.05
C VAL A 649 15.52 23.66 11.80
N LEU A 650 15.09 23.83 10.54
CA LEU A 650 14.21 24.92 10.18
C LEU A 650 12.88 24.84 10.94
N LYS A 651 12.63 23.69 11.56
CA LYS A 651 11.39 23.47 12.28
C LYS A 651 11.47 23.81 13.76
N GLN A 652 12.68 23.91 14.29
CA GLN A 652 12.91 24.08 15.73
C GLN A 652 12.10 25.18 16.39
N GLN A 653 11.58 24.86 17.57
CA GLN A 653 10.79 25.79 18.37
C GLN A 653 11.22 25.69 19.83
N PRO A 654 11.94 26.71 20.35
CA PRO A 654 12.33 27.97 19.69
C PRO A 654 13.31 27.75 18.53
N PRO A 655 13.40 28.73 17.60
CA PRO A 655 14.33 28.66 16.46
C PRO A 655 15.79 28.50 16.88
N ALA A 656 16.49 27.56 16.26
CA ALA A 656 17.92 27.37 16.49
C ALA A 656 18.71 28.36 15.65
N VAL A 657 18.16 28.69 14.48
CA VAL A 657 18.66 29.74 13.61
C VAL A 657 17.56 30.79 13.44
N GLN A 658 17.94 32.06 13.50
CA GLN A 658 16.99 33.15 13.39
C GLN A 658 17.18 33.89 12.08
N PHE A 659 16.06 34.20 11.42
CA PHE A 659 16.09 34.90 10.15
C PHE A 659 15.65 36.34 10.30
N VAL A 660 16.53 37.26 9.93
CA VAL A 660 16.21 38.69 9.99
C VAL A 660 16.37 39.34 8.61
N PRO A 661 15.26 39.81 8.03
CA PRO A 661 13.90 39.76 8.60
C PRO A 661 13.30 38.35 8.62
N PRO A 662 12.21 38.14 9.41
CA PRO A 662 11.49 36.86 9.42
C PRO A 662 11.10 36.39 8.02
N LEU A 663 11.15 35.08 7.82
CA LEU A 663 10.77 34.50 6.53
C LEU A 663 9.27 34.70 6.32
N PRO A 664 8.87 35.09 5.10
CA PRO A 664 7.46 35.32 4.76
C PRO A 664 6.60 34.12 5.08
N GLU A 665 5.33 34.36 5.42
CA GLU A 665 4.46 33.29 5.91
C GLU A 665 4.35 32.10 4.96
N TRP A 666 4.50 32.32 3.65
CA TRP A 666 4.40 31.22 2.68
C TRP A 666 5.49 30.21 2.86
N LYS A 667 6.69 30.69 3.16
CA LYS A 667 7.87 29.85 3.39
C LYS A 667 7.79 29.11 4.72
N THR A 668 7.29 29.79 5.75
CA THR A 668 7.23 29.22 7.09
C THR A 668 6.05 28.25 7.23
N SER A 669 5.03 28.42 6.39
CA SER A 669 3.93 27.46 6.35
C SER A 669 4.37 26.19 5.65
N ALA A 670 5.16 26.35 4.59
CA ALA A 670 5.80 25.21 3.92
C ALA A 670 6.63 24.41 4.92
N VAL A 671 7.40 25.11 5.75
CA VAL A 671 8.20 24.47 6.78
C VAL A 671 7.34 23.70 7.78
N GLN A 672 6.16 24.22 8.11
CA GLN A 672 5.30 23.58 9.09
C GLN A 672 4.39 22.48 8.56
N ARG A 673 3.88 22.66 7.35
CA ARG A 673 3.05 21.63 6.69
C ARG A 673 3.83 20.35 6.44
N MET A 674 5.03 20.50 5.87
CA MET A 674 5.89 19.39 5.49
C MET A 674 6.27 18.52 6.67
N GLY A 675 6.40 17.23 6.41
CA GLY A 675 6.83 16.29 7.43
C GLY A 675 8.33 16.09 7.44
N PHE A 676 8.88 15.94 8.63
CA PHE A 676 10.27 15.55 8.77
C PHE A 676 10.32 14.34 9.69
N GLY A 677 10.69 13.20 9.10
CA GLY A 677 10.63 11.91 9.78
C GLY A 677 11.79 11.60 10.69
N ASN A 678 11.80 10.36 11.18
CA ASN A 678 12.86 9.84 12.03
C ASN A 678 13.07 8.35 11.73
N LEU A 679 14.33 7.94 11.77
CA LEU A 679 14.73 6.55 11.50
C LEU A 679 16.09 6.35 12.12
N ASN A 680 16.26 5.29 12.90
CA ASN A 680 17.56 5.04 13.54
C ASN A 680 18.16 3.67 13.27
N LYS A 681 19.48 3.59 13.42
CA LYS A 681 20.24 2.37 13.12
C LYS A 681 21.07 1.92 14.32
N VAL A 682 21.00 0.62 14.60
CA VAL A 682 21.91 0.01 15.57
C VAL A 682 22.98 -0.77 14.82
N VAL A 683 24.23 -0.36 15.00
CA VAL A 683 25.36 -1.06 14.41
C VAL A 683 25.92 -2.05 15.41
N LEU A 684 25.99 -3.30 14.99
CA LEU A 684 26.52 -4.38 15.82
C LEU A 684 27.73 -5.01 15.16
N CYS A 685 28.90 -4.72 15.71
CA CYS A 685 30.17 -5.20 15.16
C CYS A 685 30.63 -6.49 15.83
N PHE A 686 30.48 -7.59 15.10
CA PHE A 686 31.00 -8.89 15.55
C PHE A 686 32.30 -9.21 14.81
N ASP A 687 32.98 -10.27 15.24
CA ASP A 687 34.14 -10.78 14.51
C ASP A 687 33.96 -12.24 14.08
N ARG A 688 32.70 -12.67 13.99
CA ARG A 688 32.32 -13.97 13.43
C ARG A 688 30.88 -13.98 12.93
N VAL A 689 30.70 -14.34 11.67
CA VAL A 689 29.39 -14.36 11.02
C VAL A 689 28.56 -15.57 11.47
N PHE A 690 27.51 -15.32 12.24
CA PHE A 690 26.62 -16.40 12.65
C PHE A 690 25.32 -16.46 11.83
N TRP A 691 25.18 -15.53 10.89
CA TRP A 691 23.99 -15.44 10.05
C TRP A 691 24.21 -16.02 8.68
N ASP A 692 23.13 -16.14 7.92
CA ASP A 692 23.19 -16.64 6.55
C ASP A 692 23.88 -15.61 5.64
N PRO A 693 25.13 -15.90 5.23
CA PRO A 693 25.99 -14.96 4.50
C PRO A 693 25.46 -14.61 3.11
N SER A 694 24.74 -15.54 2.48
CA SER A 694 24.19 -15.30 1.15
C SER A 694 22.92 -14.42 1.19
N VAL A 695 22.43 -14.16 2.39
CA VAL A 695 21.25 -13.31 2.59
C VAL A 695 21.66 -11.92 3.07
N ASN A 696 21.25 -10.90 2.31
CA ASN A 696 21.64 -9.52 2.59
C ASN A 696 20.88 -8.90 3.77
N LEU A 697 19.65 -9.34 3.97
CA LEU A 697 18.78 -8.80 5.01
C LEU A 697 17.71 -9.78 5.46
N PHE A 698 17.43 -9.79 6.76
CA PHE A 698 16.35 -10.59 7.32
C PHE A 698 15.49 -9.80 8.29
N GLY A 699 14.18 -10.02 8.22
CA GLY A 699 13.22 -9.31 9.06
C GLY A 699 12.97 -9.96 10.41
N HIS A 700 12.33 -9.21 11.30
CA HIS A 700 11.90 -9.69 12.60
C HIS A 700 10.52 -9.17 12.87
N VAL A 701 9.61 -10.09 13.20
CA VAL A 701 8.21 -9.74 13.38
C VAL A 701 7.90 -9.44 14.84
N GLY A 702 7.53 -8.19 15.12
CA GLY A 702 7.17 -7.76 16.47
C GLY A 702 5.87 -8.38 16.95
N SER A 703 5.67 -8.36 18.27
CA SER A 703 4.49 -8.94 18.89
C SER A 703 3.23 -8.12 18.67
N THR A 704 3.36 -6.80 18.79
CA THR A 704 2.22 -5.90 18.64
C THR A 704 2.46 -4.83 17.58
N THR A 705 1.35 -4.24 17.11
CA THR A 705 1.38 -3.10 16.18
C THR A 705 2.17 -1.93 16.79
N ALA A 706 2.03 -1.76 18.10
CA ALA A 706 2.66 -0.67 18.81
C ALA A 706 4.17 -0.66 18.59
N SER A 707 4.76 -1.84 18.56
CA SER A 707 6.22 -1.97 18.50
C SER A 707 6.70 -2.65 17.21
N ARG A 708 5.89 -2.57 16.16
CA ARG A 708 6.18 -3.26 14.90
C ARG A 708 7.47 -2.81 14.20
N GLY A 709 7.86 -1.56 14.40
CA GLY A 709 9.07 -1.02 13.79
C GLY A 709 10.28 -1.07 14.69
N GLU A 710 10.19 -1.80 15.80
CA GLU A 710 11.31 -1.94 16.72
C GLU A 710 12.23 -3.07 16.31
N LEU A 711 13.41 -2.71 15.80
CA LEU A 711 14.44 -3.67 15.40
C LEU A 711 13.88 -4.73 14.43
N PHE A 712 13.03 -4.28 13.51
CA PHE A 712 12.26 -5.16 12.64
C PHE A 712 13.08 -5.68 11.46
N LEU A 713 14.25 -5.12 11.24
CA LEU A 713 15.02 -5.44 10.04
C LEU A 713 16.52 -5.39 10.32
N PHE A 714 17.24 -6.37 9.77
CA PHE A 714 18.69 -6.49 9.97
C PHE A 714 19.42 -6.54 8.64
N TRP A 715 20.53 -5.81 8.54
CA TRP A 715 21.30 -5.78 7.29
C TRP A 715 22.64 -6.42 7.44
N ASN A 716 22.92 -7.36 6.54
CA ASN A 716 24.24 -7.94 6.36
C ASN A 716 24.82 -7.39 5.07
N LEU A 717 25.71 -6.40 5.19
CA LEU A 717 26.18 -5.66 4.01
C LEU A 717 27.68 -5.54 3.85
N TYR A 718 28.40 -5.54 4.96
CA TYR A 718 29.81 -5.15 4.95
C TYR A 718 30.79 -6.32 5.00
N LYS A 719 32.05 -6.02 4.65
CA LYS A 719 33.15 -6.99 4.67
C LYS A 719 33.31 -7.57 6.07
N ALA A 720 33.53 -6.70 7.05
CA ALA A 720 33.58 -7.10 8.45
C ALA A 720 32.22 -7.62 8.91
N PRO A 721 32.21 -8.65 9.78
CA PRO A 721 30.96 -9.23 10.32
C PRO A 721 30.12 -8.23 11.11
N ILE A 722 29.42 -7.35 10.39
CA ILE A 722 28.62 -6.30 10.98
C ILE A 722 27.15 -6.48 10.59
N LEU A 723 26.31 -6.55 11.62
CA LEU A 723 24.85 -6.52 11.40
C LEU A 723 24.30 -5.15 11.74
N LEU A 724 23.30 -4.73 10.99
CA LEU A 724 22.73 -3.40 11.12
C LEU A 724 21.21 -3.47 11.36
N ALA A 725 20.76 -3.03 12.53
CA ALA A 725 19.33 -3.10 12.90
C ALA A 725 18.57 -1.77 12.77
N LEU A 726 17.38 -1.83 12.19
CA LEU A 726 16.55 -0.63 11.95
C LEU A 726 15.48 -0.39 13.01
N VAL A 727 15.36 0.86 13.46
CA VAL A 727 14.26 1.26 14.35
C VAL A 727 13.38 2.30 13.67
N ALA A 728 12.20 1.88 13.24
CA ALA A 728 11.31 2.73 12.45
C ALA A 728 9.98 3.08 13.13
N GLY A 729 9.03 3.61 12.36
CA GLY A 729 7.69 3.95 12.85
C GLY A 729 7.64 4.76 14.13
N GLU A 730 6.78 4.35 15.05
CA GLU A 730 6.67 5.02 16.33
C GLU A 730 7.83 4.66 17.24
N ALA A 731 8.30 3.41 17.11
CA ALA A 731 9.48 2.93 17.86
C ALA A 731 10.69 3.83 17.69
N ALA A 732 10.86 4.38 16.48
CA ALA A 732 11.91 5.35 16.18
C ALA A 732 12.14 6.32 17.34
N GLY A 733 11.13 7.13 17.63
CA GLY A 733 11.23 8.21 18.60
C GLY A 733 11.35 7.76 20.05
N ILE A 734 10.64 6.69 20.39
CA ILE A 734 10.60 6.20 21.77
C ILE A 734 11.92 5.55 22.19
N MET A 735 12.53 4.82 21.26
CA MET A 735 13.79 4.12 21.55
C MET A 735 14.94 5.08 21.81
N GLU A 736 14.82 6.32 21.32
CA GLU A 736 15.85 7.35 21.54
C GLU A 736 16.02 7.72 23.02
N ASN A 737 14.99 7.44 23.83
CA ASN A 737 15.03 7.64 25.28
C ASN A 737 15.58 6.46 26.07
N ILE A 738 15.91 5.38 25.36
CA ILE A 738 16.39 4.16 26.00
C ILE A 738 17.90 4.02 25.76
N SER A 739 18.63 3.66 26.82
CA SER A 739 20.09 3.56 26.79
C SER A 739 20.57 2.49 25.81
N ASP A 740 21.78 2.69 25.29
CA ASP A 740 22.37 1.81 24.28
C ASP A 740 22.37 0.35 24.69
N ASP A 741 22.78 0.08 25.93
CA ASP A 741 22.87 -1.27 26.47
C ASP A 741 21.54 -2.02 26.35
N VAL A 742 20.46 -1.37 26.82
CA VAL A 742 19.12 -1.93 26.74
C VAL A 742 18.71 -2.20 25.29
N ILE A 743 19.01 -1.25 24.40
CA ILE A 743 18.76 -1.41 22.96
C ILE A 743 19.58 -2.56 22.37
N VAL A 744 20.89 -2.56 22.64
CA VAL A 744 21.78 -3.63 22.15
C VAL A 744 21.33 -4.98 22.73
N GLY A 745 20.90 -4.96 23.99
CA GLY A 745 20.37 -6.14 24.65
C GLY A 745 19.22 -6.75 23.87
N ARG A 746 18.24 -5.92 23.52
CA ARG A 746 17.08 -6.37 22.76
C ARG A 746 17.48 -6.95 21.42
N CYS A 747 18.51 -6.37 20.80
CA CYS A 747 19.02 -6.86 19.53
C CYS A 747 19.56 -8.27 19.64
N LEU A 748 20.42 -8.49 20.64
CA LEU A 748 21.02 -9.79 20.88
C LEU A 748 19.94 -10.82 21.14
N ALA A 749 19.04 -10.51 22.08
CA ALA A 749 17.90 -11.36 22.41
C ALA A 749 17.16 -11.84 21.15
N ILE A 750 16.81 -10.89 20.27
CA ILE A 750 16.15 -11.21 19.01
C ILE A 750 17.01 -12.18 18.20
N LEU A 751 18.29 -11.83 18.05
CA LEU A 751 19.25 -12.63 17.29
C LEU A 751 19.48 -14.03 17.87
N LYS A 752 19.52 -14.13 19.20
CA LYS A 752 19.55 -15.42 19.89
C LYS A 752 18.34 -16.28 19.53
N GLY A 753 17.18 -15.64 19.41
CA GLY A 753 15.94 -16.31 19.02
C GLY A 753 16.02 -16.95 17.65
N ILE A 754 16.61 -16.24 16.69
CA ILE A 754 16.76 -16.77 15.33
C ILE A 754 17.90 -17.78 15.26
N PHE A 755 19.07 -17.42 15.79
CA PHE A 755 20.29 -18.17 15.50
C PHE A 755 20.79 -19.12 16.60
N GLY A 756 20.27 -18.99 17.81
CA GLY A 756 20.69 -19.85 18.90
C GLY A 756 21.27 -19.09 20.08
N SER A 757 20.96 -19.58 21.27
CA SER A 757 21.29 -18.92 22.53
C SER A 757 22.79 -18.75 22.77
N SER A 758 23.59 -19.59 22.14
CA SER A 758 25.04 -19.56 22.30
C SER A 758 25.78 -19.18 21.02
N ALA A 759 25.07 -19.15 19.90
CA ALA A 759 25.65 -18.76 18.62
C ALA A 759 25.93 -17.26 18.50
N VAL A 760 25.44 -16.48 19.46
CA VAL A 760 25.48 -15.02 19.42
C VAL A 760 26.38 -14.45 20.52
N PRO A 761 27.64 -14.09 20.16
CA PRO A 761 28.57 -13.49 21.13
C PRO A 761 28.23 -12.03 21.43
N GLN A 762 28.87 -11.46 22.45
CA GLN A 762 28.78 -10.03 22.70
C GLN A 762 29.51 -9.27 21.58
N PRO A 763 28.84 -8.26 20.99
CA PRO A 763 29.49 -7.49 19.93
C PRO A 763 30.66 -6.70 20.48
N LYS A 764 31.74 -6.61 19.71
CA LYS A 764 32.92 -5.89 20.12
C LYS A 764 32.72 -4.38 20.13
N GLU A 765 31.91 -3.90 19.19
CA GLU A 765 31.61 -2.47 19.07
C GLU A 765 30.15 -2.21 18.69
N THR A 766 29.52 -1.27 19.39
CA THR A 766 28.15 -0.89 19.08
C THR A 766 28.00 0.62 18.86
N VAL A 767 27.04 0.98 18.00
CA VAL A 767 26.69 2.38 17.76
C VAL A 767 25.17 2.47 17.65
N VAL A 768 24.59 3.47 18.32
CA VAL A 768 23.15 3.71 18.23
C VAL A 768 22.83 5.17 17.85
N SER A 769 22.30 5.35 16.65
CA SER A 769 21.93 6.69 16.16
C SER A 769 20.68 7.25 16.84
N ARG A 770 20.68 8.56 17.06
CA ARG A 770 19.53 9.28 17.60
C ARG A 770 19.33 10.57 16.81
N TRP A 771 18.83 10.42 15.59
CA TRP A 771 18.71 11.53 14.65
C TRP A 771 17.76 12.61 15.10
N ARG A 772 16.64 12.22 15.71
CA ARG A 772 15.68 13.18 16.22
C ARG A 772 16.32 14.08 17.29
N ALA A 773 17.06 13.47 18.21
CA ALA A 773 17.70 14.23 19.29
C ALA A 773 18.91 15.04 18.82
N ASP A 774 19.43 14.71 17.63
CA ASP A 774 20.63 15.36 17.12
C ASP A 774 20.32 16.78 16.63
N PRO A 775 20.94 17.79 17.27
CA PRO A 775 20.69 19.21 16.99
C PRO A 775 20.94 19.65 15.54
N TRP A 776 21.72 18.86 14.79
CA TRP A 776 22.10 19.25 13.45
C TRP A 776 21.36 18.48 12.37
N ALA A 777 20.35 17.72 12.79
CA ALA A 777 19.42 17.08 11.88
C ALA A 777 17.98 17.25 12.39
N ARG A 778 17.76 16.84 13.65
CA ARG A 778 16.44 16.88 14.28
C ARG A 778 15.45 15.98 13.55
N GLY A 779 15.95 14.81 13.15
CA GLY A 779 15.19 13.85 12.36
C GLY A 779 16.07 13.21 11.30
N SER A 780 15.46 12.36 10.49
CA SER A 780 16.19 11.59 9.50
C SER A 780 16.08 12.16 8.09
N TYR A 781 14.87 12.22 7.55
CA TYR A 781 14.64 12.84 6.26
C TYR A 781 13.16 13.18 6.11
N SER A 782 12.84 14.04 5.15
CA SER A 782 11.48 14.54 5.01
C SER A 782 10.52 13.48 4.49
N TYR A 783 9.24 13.77 4.64
CA TYR A 783 8.17 12.99 4.01
C TYR A 783 7.02 13.92 3.68
N VAL A 784 6.12 13.45 2.83
CA VAL A 784 4.92 14.23 2.51
C VAL A 784 3.86 13.97 3.58
N ALA A 785 3.73 14.90 4.51
CA ALA A 785 2.75 14.80 5.58
C ALA A 785 1.33 15.04 5.07
N ALA A 786 0.35 14.53 5.81
CA ALA A 786 -1.06 14.82 5.54
C ALA A 786 -1.30 16.32 5.68
N GLY A 787 -1.89 16.91 4.65
CA GLY A 787 -2.09 18.36 4.62
C GLY A 787 -1.06 19.06 3.77
N SER A 788 0.13 18.49 3.69
CA SER A 788 1.16 18.94 2.76
C SER A 788 0.96 18.28 1.40
N SER A 789 1.75 18.70 0.42
CA SER A 789 1.74 18.10 -0.91
C SER A 789 3.14 18.17 -1.53
N GLY A 790 3.24 17.82 -2.80
CA GLY A 790 4.52 17.88 -3.50
C GLY A 790 4.93 19.31 -3.77
N ASN A 791 3.96 20.22 -3.67
CA ASN A 791 4.17 21.62 -4.02
C ASN A 791 5.04 22.35 -3.00
N ASP A 792 4.91 21.95 -1.74
CA ASP A 792 5.67 22.56 -0.65
C ASP A 792 7.17 22.43 -0.88
N TYR A 793 7.57 21.29 -1.43
CA TYR A 793 8.97 21.03 -1.78
C TYR A 793 9.54 22.12 -2.70
N ASP A 794 8.72 22.56 -3.65
CA ASP A 794 9.07 23.68 -4.54
C ASP A 794 9.19 24.99 -3.77
N LEU A 795 8.23 25.24 -2.87
CA LEU A 795 8.29 26.41 -2.00
C LEU A 795 9.59 26.48 -1.21
N MET A 796 10.05 25.33 -0.72
CA MET A 796 11.36 25.25 -0.04
C MET A 796 12.53 25.70 -0.90
N ALA A 797 12.50 25.42 -2.20
CA ALA A 797 13.61 25.78 -3.10
C ALA A 797 13.59 27.25 -3.51
N GLN A 798 12.38 27.81 -3.60
CA GLN A 798 12.12 29.21 -3.93
C GLN A 798 12.99 30.17 -3.11
N PRO A 799 13.77 31.04 -3.77
CA PRO A 799 14.67 31.93 -3.03
C PRO A 799 13.95 33.15 -2.41
N ILE A 800 14.62 33.83 -1.48
CA ILE A 800 14.07 35.00 -0.80
C ILE A 800 14.73 36.31 -1.25
N THR A 801 13.91 37.25 -1.72
CA THR A 801 14.36 38.59 -2.05
C THR A 801 13.97 39.54 -0.92
N PRO A 802 14.98 40.18 -0.29
CA PRO A 802 14.73 41.09 0.82
C PRO A 802 13.96 42.33 0.38
N GLY A 803 13.46 43.09 1.34
CA GLY A 803 12.84 44.37 1.06
C GLY A 803 13.90 45.43 0.77
N PRO A 804 13.46 46.59 0.23
CA PRO A 804 14.38 47.68 -0.09
C PRO A 804 14.87 48.40 1.17
N SER A 805 16.06 49.02 1.08
CA SER A 805 16.60 49.83 2.19
C SER A 805 15.79 51.12 2.32
N ILE A 806 15.93 52.00 1.35
CA ILE A 806 15.16 53.24 1.26
C ILE A 806 13.75 52.90 0.79
N PRO A 807 12.72 53.46 1.46
CA PRO A 807 11.34 53.27 0.97
C PRO A 807 11.16 53.88 -0.43
N GLY A 808 10.50 53.13 -1.31
CA GLY A 808 10.33 53.55 -2.70
C GLY A 808 11.45 53.14 -3.64
N ALA A 809 12.57 52.65 -3.09
CA ALA A 809 13.70 52.16 -3.89
C ALA A 809 13.34 50.85 -4.61
N PRO A 810 14.11 50.48 -5.67
CA PRO A 810 13.72 49.35 -6.50
C PRO A 810 13.88 47.99 -5.82
N GLN A 811 12.98 47.08 -6.17
CA GLN A 811 13.02 45.67 -5.77
C GLN A 811 14.41 45.05 -6.08
N PRO A 812 15.10 44.56 -5.03
CA PRO A 812 16.49 44.16 -5.27
C PRO A 812 16.67 42.74 -5.82
N ILE A 813 17.90 42.24 -5.66
CA ILE A 813 18.33 40.90 -6.04
C ILE A 813 17.87 39.91 -4.95
N PRO A 814 17.57 38.66 -5.33
CA PRO A 814 17.40 37.57 -4.36
C PRO A 814 18.70 37.31 -3.57
N ARG A 815 18.56 37.21 -2.25
CA ARG A 815 19.72 37.09 -1.37
C ARG A 815 19.83 35.71 -0.70
N LEU A 816 18.69 35.19 -0.23
CA LEU A 816 18.66 33.93 0.50
C LEU A 816 18.17 32.78 -0.38
N PHE A 817 18.96 31.71 -0.40
CA PHE A 817 18.71 30.57 -1.28
C PHE A 817 18.61 29.29 -0.44
N PHE A 818 17.88 28.31 -0.95
CA PHE A 818 17.64 27.07 -0.22
C PHE A 818 17.92 25.83 -1.03
N ALA A 819 18.89 25.04 -0.57
CA ALA A 819 19.15 23.74 -1.15
C ALA A 819 19.00 22.69 -0.05
N GLY A 820 18.82 21.45 -0.47
CA GLY A 820 18.64 20.35 0.46
C GLY A 820 17.69 19.29 -0.05
N GLU A 821 17.72 18.15 0.62
CA GLU A 821 16.89 17.00 0.34
C GLU A 821 15.38 17.35 0.43
N HIS A 822 15.05 18.38 1.20
CA HIS A 822 13.68 18.82 1.40
C HIS A 822 13.26 19.89 0.43
N THR A 823 14.14 20.26 -0.50
CA THR A 823 13.85 21.35 -1.45
C THR A 823 13.63 20.88 -2.88
N ILE A 824 13.35 19.59 -3.05
CA ILE A 824 13.34 18.97 -4.38
C ILE A 824 12.15 18.01 -4.52
N ARG A 825 11.18 18.45 -5.30
CA ARG A 825 9.90 17.76 -5.49
C ARG A 825 10.05 16.33 -6.01
N ASN A 826 11.03 16.13 -6.90
CA ASN A 826 11.15 14.86 -7.62
C ASN A 826 12.08 13.81 -7.03
N TYR A 827 12.94 14.20 -6.09
CA TYR A 827 13.84 13.25 -5.43
C TYR A 827 14.00 13.53 -3.94
N PRO A 828 12.89 13.81 -3.24
CA PRO A 828 13.06 14.13 -1.82
C PRO A 828 13.68 12.96 -1.04
N ALA A 829 14.25 13.27 0.11
CA ALA A 829 14.73 12.28 1.07
C ALA A 829 15.90 11.40 0.58
N THR A 830 16.60 11.84 -0.45
CA THR A 830 17.69 11.01 -0.98
C THR A 830 19.01 11.78 -1.13
N VAL A 831 20.13 11.08 -1.01
CA VAL A 831 21.45 11.65 -1.28
C VAL A 831 21.50 12.36 -2.64
N HIS A 832 21.09 11.65 -3.69
CA HIS A 832 21.09 12.25 -5.02
C HIS A 832 20.16 13.42 -5.09
N GLY A 833 19.01 13.32 -4.43
CA GLY A 833 18.07 14.43 -4.33
C GLY A 833 18.73 15.68 -3.77
N ALA A 834 19.38 15.51 -2.62
CA ALA A 834 20.19 16.56 -2.03
C ALA A 834 21.22 17.05 -3.06
N LEU A 835 22.03 16.13 -3.58
CA LEU A 835 23.06 16.45 -4.59
C LEU A 835 22.52 17.37 -5.69
N LEU A 836 21.47 16.93 -6.37
CA LEU A 836 20.80 17.72 -7.41
C LEU A 836 20.28 19.10 -6.97
N SER A 837 19.89 19.24 -5.70
CA SER A 837 19.48 20.55 -5.18
C SER A 837 20.66 21.50 -5.10
N GLY A 838 21.79 21.01 -4.58
CA GLY A 838 23.06 21.73 -4.56
C GLY A 838 23.45 22.15 -5.97
N LEU A 839 23.38 21.19 -6.89
CA LEU A 839 23.66 21.48 -8.30
C LEU A 839 22.72 22.54 -8.83
N ARG A 840 21.43 22.40 -8.50
CA ARG A 840 20.41 23.34 -8.95
C ARG A 840 20.70 24.75 -8.44
N GLU A 841 20.92 24.86 -7.14
CA GLU A 841 21.02 26.18 -6.52
C GLU A 841 22.23 26.95 -6.98
N ALA A 842 23.35 26.25 -7.10
CA ALA A 842 24.58 26.84 -7.63
C ALA A 842 24.32 27.52 -8.97
N GLY A 843 23.66 26.80 -9.87
CA GLY A 843 23.26 27.36 -11.16
C GLY A 843 22.46 28.65 -11.00
N ARG A 844 21.39 28.61 -10.21
CA ARG A 844 20.53 29.76 -10.00
C ARG A 844 21.30 30.95 -9.45
N ILE A 845 22.14 30.70 -8.45
CA ILE A 845 22.97 31.74 -7.85
C ILE A 845 23.97 32.34 -8.85
N ALA A 846 24.71 31.48 -9.54
CA ALA A 846 25.64 31.93 -10.59
C ALA A 846 24.94 32.79 -11.63
N ASP A 847 23.81 32.31 -12.16
CA ASP A 847 22.99 33.06 -13.09
C ASP A 847 22.67 34.44 -12.54
N GLN A 848 22.34 34.49 -11.25
CA GLN A 848 21.93 35.71 -10.57
C GLN A 848 23.08 36.71 -10.37
N PHE A 849 24.29 36.20 -10.21
CA PHE A 849 25.44 37.05 -9.84
C PHE A 849 26.55 37.16 -10.89
N LEU A 850 26.57 36.25 -11.85
CA LEU A 850 27.58 36.29 -12.91
C LEU A 850 26.97 36.46 -14.29
N GLY A 851 25.64 36.58 -14.34
CA GLY A 851 24.92 36.74 -15.59
C GLY A 851 24.92 35.50 -16.46
N ALA A 852 23.86 35.32 -17.23
CA ALA A 852 23.74 34.19 -18.14
C ALA A 852 24.24 34.59 -19.53
N MET A 853 25.35 34.00 -19.93
CA MET A 853 25.93 34.25 -21.25
C MET A 853 25.14 33.49 -22.32
N TYR A 854 24.71 32.28 -21.95
CA TYR A 854 24.06 31.33 -22.86
C TYR A 854 22.64 31.71 -23.33
N THR A 855 22.06 32.76 -22.74
CA THR A 855 20.73 33.23 -23.12
C THR A 855 20.78 34.40 -24.11
N LEU A 856 21.91 35.10 -24.13
CA LEU A 856 22.12 36.23 -25.04
C LEU A 856 22.56 35.76 -26.44
N ARG B 308 -10.10 2.26 -12.11
CA ARG B 308 -11.56 2.10 -12.31
C ARG B 308 -12.23 1.25 -11.21
N LYS B 309 -11.62 0.12 -10.88
CA LYS B 309 -12.16 -0.82 -9.89
C LYS B 309 -11.15 -1.21 -8.81
N PRO B 310 -11.63 -1.63 -7.62
CA PRO B 310 -10.73 -2.06 -6.56
C PRO B 310 -10.06 -3.39 -6.92
N PRO B 311 -8.94 -3.73 -6.26
CA PRO B 311 -8.33 -5.05 -6.48
C PRO B 311 -9.34 -6.17 -6.27
N LYS B 312 -9.23 -7.23 -7.08
CA LYS B 312 -10.18 -8.34 -7.03
C LYS B 312 -10.22 -8.97 -5.64
N GLY B 313 -11.40 -9.04 -5.06
CA GLY B 313 -11.57 -9.61 -3.72
C GLY B 313 -11.59 -8.57 -2.61
N MET B 314 -11.20 -7.34 -2.95
CA MET B 314 -11.32 -6.22 -2.02
C MET B 314 -12.72 -5.65 -2.18
N PHE B 315 -13.42 -5.45 -1.06
CA PHE B 315 -14.78 -4.95 -1.12
C PHE B 315 -14.90 -3.57 -0.48
N LEU B 316 -14.98 -2.56 -1.34
CA LEU B 316 -15.01 -1.17 -0.91
C LEU B 316 -16.12 -0.42 -1.63
N SER B 317 -17.28 -0.33 -1.00
CA SER B 317 -18.37 0.47 -1.56
C SER B 317 -18.25 1.90 -1.04
N GLN B 318 -18.75 2.85 -1.84
CA GLN B 318 -18.76 4.26 -1.46
C GLN B 318 -19.48 4.48 -0.12
N GLU B 319 -20.61 3.80 0.05
CA GLU B 319 -21.47 3.98 1.23
C GLU B 319 -20.83 3.44 2.52
N ASP B 320 -20.06 2.36 2.41
CA ASP B 320 -19.42 1.74 3.56
C ASP B 320 -18.34 2.62 4.20
N VAL B 321 -17.59 3.32 3.36
CA VAL B 321 -16.52 4.21 3.81
C VAL B 321 -17.08 5.28 4.75
N GLU B 322 -18.17 5.91 4.33
CA GLU B 322 -18.84 6.95 5.11
C GLU B 322 -19.35 6.41 6.43
N ALA B 323 -19.85 5.18 6.40
CA ALA B 323 -20.40 4.53 7.58
C ALA B 323 -19.32 4.13 8.59
N VAL B 324 -18.14 3.78 8.07
CA VAL B 324 -17.02 3.38 8.92
C VAL B 324 -16.32 4.58 9.56
N SER B 325 -16.40 5.74 8.90
CA SER B 325 -15.73 6.95 9.36
C SER B 325 -16.63 7.95 10.10
N ALA B 326 -17.95 7.69 10.10
CA ALA B 326 -18.96 8.57 10.71
C ALA B 326 -18.52 9.27 12.01
N ASN B 327 -17.78 8.54 12.85
CA ASN B 327 -17.09 9.12 14.00
C ASN B 327 -15.79 8.37 14.34
N ALA B 328 -15.24 8.64 15.52
CA ALA B 328 -13.96 8.07 15.97
C ALA B 328 -13.98 6.54 15.97
N THR B 329 -14.85 5.96 16.78
CA THR B 329 -14.98 4.51 16.87
C THR B 329 -16.37 4.03 16.43
N ALA B 330 -16.84 4.59 15.31
CA ALA B 330 -18.11 4.18 14.70
C ALA B 330 -17.99 2.80 14.08
N ALA B 331 -16.81 2.51 13.52
CA ALA B 331 -16.56 1.28 12.79
C ALA B 331 -16.47 0.05 13.69
N THR B 332 -15.90 0.24 14.88
CA THR B 332 -15.78 -0.86 15.84
C THR B 332 -17.14 -1.19 16.49
N THR B 333 -18.09 -0.26 16.36
CA THR B 333 -19.48 -0.50 16.76
C THR B 333 -20.20 -1.31 15.69
N VAL B 334 -19.92 -1.00 14.43
CA VAL B 334 -20.49 -1.74 13.29
C VAL B 334 -20.00 -3.18 13.27
N LEU B 335 -18.72 -3.38 13.62
CA LEU B 335 -18.13 -4.72 13.63
C LEU B 335 -18.61 -5.59 14.78
N ARG B 336 -18.85 -4.98 15.95
CA ARG B 336 -19.40 -5.72 17.08
C ARG B 336 -20.89 -5.97 16.89
N GLN B 337 -21.55 -5.10 16.14
CA GLN B 337 -22.97 -5.26 15.80
C GLN B 337 -23.20 -6.54 15.01
N LEU B 338 -22.30 -6.82 14.06
CA LEU B 338 -22.39 -8.01 13.23
C LEU B 338 -21.97 -9.26 14.00
N ASP B 339 -21.23 -9.06 15.09
CA ASP B 339 -20.85 -10.15 15.98
C ASP B 339 -22.02 -10.59 16.84
N MET B 340 -22.83 -9.62 17.25
CA MET B 340 -24.07 -9.88 18.00
C MET B 340 -25.09 -10.53 17.07
N GLU B 341 -25.11 -10.05 15.82
CA GLU B 341 -25.93 -10.60 14.76
C GLU B 341 -25.62 -12.07 14.50
N LEU B 342 -24.35 -12.40 14.35
CA LEU B 342 -23.93 -13.76 14.03
C LEU B 342 -24.18 -14.70 15.20
N VAL B 343 -23.88 -14.24 16.43
CA VAL B 343 -24.11 -15.03 17.63
C VAL B 343 -25.61 -15.36 17.77
N SER B 344 -26.45 -14.38 17.50
CA SER B 344 -27.90 -14.56 17.52
C SER B 344 -28.36 -15.57 16.44
N VAL B 345 -27.93 -15.35 15.20
CA VAL B 345 -28.28 -16.22 14.07
C VAL B 345 -27.69 -17.63 14.23
N LYS B 346 -26.57 -17.74 14.95
CA LYS B 346 -25.87 -19.01 15.08
C LYS B 346 -26.62 -20.00 15.98
N ARG B 347 -26.98 -19.57 17.19
CA ARG B 347 -27.73 -20.44 18.10
C ARG B 347 -29.21 -20.50 17.70
N GLN B 348 -29.67 -19.41 17.09
CA GLN B 348 -30.97 -19.35 16.43
C GLN B 348 -31.21 -20.59 15.58
N ILE B 349 -30.13 -21.17 15.07
CA ILE B 349 -30.19 -22.39 14.28
C ILE B 349 -30.44 -23.63 15.12
N GLN B 350 -29.71 -23.76 16.23
CA GLN B 350 -29.83 -24.92 17.11
C GLN B 350 -31.24 -25.07 17.67
N ASN B 351 -31.82 -23.94 18.08
CA ASN B 351 -33.20 -23.90 18.58
C ASN B 351 -34.20 -24.54 17.62
N ILE B 352 -34.05 -24.24 16.33
CA ILE B 352 -34.96 -24.75 15.29
C ILE B 352 -34.40 -26.01 14.63
N LYS B 353 -33.14 -26.33 14.92
CA LYS B 353 -32.58 -27.61 14.49
C LYS B 353 -33.15 -28.68 15.41
N GLN B 354 -33.27 -28.33 16.69
CA GLN B 354 -33.81 -29.22 17.72
C GLN B 354 -35.32 -29.40 17.56
N THR B 355 -36.01 -28.32 17.21
CA THR B 355 -37.44 -28.34 16.91
C THR B 355 -37.73 -29.28 15.74
N ASN B 356 -36.97 -29.13 14.66
CA ASN B 356 -37.11 -29.97 13.48
C ASN B 356 -36.75 -31.43 13.77
N SER B 357 -35.87 -31.65 14.74
CA SER B 357 -35.50 -32.99 15.15
C SER B 357 -36.62 -33.63 15.96
N ALA B 358 -37.32 -32.80 16.75
CA ALA B 358 -38.47 -33.24 17.55
C ALA B 358 -39.67 -33.59 16.66
N LEU B 359 -39.88 -32.80 15.61
CA LEU B 359 -40.91 -33.06 14.60
C LEU B 359 -40.62 -34.33 13.79
N LYS B 360 -39.33 -34.56 13.53
CA LYS B 360 -38.89 -35.79 12.87
C LYS B 360 -39.16 -37.01 13.75
N GLU B 361 -39.16 -36.79 15.07
CA GLU B 361 -39.36 -37.86 16.03
C GLU B 361 -40.82 -38.29 16.16
N LYS B 362 -41.74 -37.37 15.89
CA LYS B 362 -43.17 -37.71 15.88
C LYS B 362 -43.54 -38.45 14.61
N LEU B 363 -42.80 -38.18 13.53
CA LEU B 363 -42.96 -38.89 12.25
C LEU B 363 -42.42 -40.32 12.30
N ASP B 364 -41.92 -40.71 13.48
CA ASP B 364 -41.19 -41.97 13.67
C ASP B 364 -41.86 -43.18 13.01
N GLY B 365 -41.10 -43.88 12.16
CA GLY B 365 -41.55 -45.12 11.53
C GLY B 365 -41.95 -45.01 10.07
N GLY B 366 -42.33 -43.82 9.64
CA GLY B 366 -42.81 -43.58 8.28
C GLY B 366 -44.19 -44.17 8.04
N ILE B 367 -44.54 -44.38 6.78
CA ILE B 367 -45.86 -44.94 6.42
C ILE B 367 -45.76 -46.38 5.86
N GLU B 368 -44.94 -47.20 6.51
CA GLU B 368 -44.73 -48.58 6.07
C GLU B 368 -45.98 -49.47 6.21
N PRO B 369 -46.53 -49.61 7.43
CA PRO B 369 -47.71 -50.49 7.58
C PRO B 369 -49.03 -49.78 7.26
N TYR B 370 -49.04 -49.02 6.17
CA TYR B 370 -50.24 -48.29 5.75
C TYR B 370 -50.43 -48.35 4.24
N ARG B 371 -49.34 -48.63 3.53
CA ARG B 371 -49.40 -48.80 2.08
C ARG B 371 -50.16 -50.07 1.73
N LEU B 372 -51.06 -49.94 0.76
CA LEU B 372 -52.02 -50.98 0.44
C LEU B 372 -51.50 -51.94 -0.64
N PRO B 373 -52.11 -53.13 -0.75
CA PRO B 373 -51.85 -54.03 -1.88
C PRO B 373 -51.95 -53.32 -3.23
N GLU B 374 -51.03 -53.66 -4.14
CA GLU B 374 -50.90 -52.98 -5.43
C GLU B 374 -52.14 -53.12 -6.32
N VAL B 375 -52.37 -52.11 -7.17
CA VAL B 375 -53.49 -52.12 -8.14
C VAL B 375 -53.07 -52.86 -9.42
N ILE B 376 -52.54 -54.07 -9.25
CA ILE B 376 -52.04 -54.89 -10.37
C ILE B 376 -53.18 -55.52 -11.18
N GLN B 377 -53.72 -54.74 -12.12
CA GLN B 377 -54.81 -55.20 -12.98
C GLN B 377 -54.77 -54.54 -14.36
N LYS B 378 -54.92 -55.37 -15.39
CA LYS B 378 -54.84 -54.93 -16.78
C LYS B 378 -56.11 -54.21 -17.23
N CYS B 379 -55.93 -53.14 -18.00
CA CYS B 379 -57.02 -52.30 -18.48
C CYS B 379 -57.96 -53.08 -19.41
N ASN B 380 -59.23 -52.69 -19.42
CA ASN B 380 -60.26 -53.34 -20.24
C ASN B 380 -61.20 -52.33 -20.88
N ALA B 381 -61.55 -52.58 -22.14
CA ALA B 381 -62.45 -51.70 -22.89
C ALA B 381 -63.91 -51.91 -22.48
N ARG B 382 -64.23 -53.15 -22.12
CA ARG B 382 -65.60 -53.55 -21.77
C ARG B 382 -66.05 -52.96 -20.45
N TRP B 383 -67.28 -52.42 -20.45
CA TRP B 383 -67.91 -51.93 -19.23
C TRP B 383 -68.82 -52.98 -18.65
N THR B 384 -68.46 -53.53 -17.50
CA THR B 384 -69.39 -54.39 -16.77
C THR B 384 -70.39 -53.49 -16.05
N THR B 385 -71.55 -54.04 -15.72
CA THR B 385 -72.60 -53.30 -15.02
C THR B 385 -72.06 -52.80 -13.69
N GLU B 386 -71.36 -53.69 -12.98
CA GLU B 386 -70.63 -53.35 -11.76
C GLU B 386 -69.76 -52.11 -11.95
N GLU B 387 -68.90 -52.15 -12.97
CA GLU B 387 -67.97 -51.06 -13.27
C GLU B 387 -68.70 -49.74 -13.54
N GLN B 388 -69.80 -49.81 -14.30
CA GLN B 388 -70.63 -48.64 -14.57
C GLN B 388 -71.07 -47.99 -13.27
N LEU B 389 -71.64 -48.81 -12.39
CA LEU B 389 -72.14 -48.37 -11.09
C LEU B 389 -71.05 -47.72 -10.24
N LEU B 390 -69.87 -48.36 -10.21
CA LEU B 390 -68.70 -47.80 -9.53
C LEU B 390 -68.43 -46.37 -9.98
N ALA B 391 -68.57 -46.11 -11.27
CA ALA B 391 -68.36 -44.78 -11.83
C ALA B 391 -69.43 -43.79 -11.37
N VAL B 392 -70.70 -44.17 -11.47
CA VAL B 392 -71.82 -43.31 -11.07
C VAL B 392 -71.61 -42.76 -9.66
N GLN B 393 -71.14 -43.63 -8.77
CA GLN B 393 -70.89 -43.28 -7.37
C GLN B 393 -69.65 -42.41 -7.24
N ALA B 394 -68.72 -42.57 -8.17
CA ALA B 394 -67.47 -41.84 -8.14
C ALA B 394 -67.65 -40.38 -8.59
N ILE B 395 -68.66 -40.15 -9.42
CA ILE B 395 -69.09 -38.79 -9.77
C ILE B 395 -69.73 -38.15 -8.53
N ARG B 396 -70.43 -38.96 -7.75
CA ARG B 396 -71.05 -38.50 -6.52
C ARG B 396 -70.00 -38.09 -5.48
N LYS B 397 -68.90 -38.84 -5.42
CA LYS B 397 -67.86 -38.58 -4.42
C LYS B 397 -66.77 -37.63 -4.89
N TYR B 398 -66.47 -37.63 -6.19
CA TYR B 398 -65.31 -36.89 -6.70
C TYR B 398 -65.62 -35.77 -7.70
N GLY B 399 -66.81 -35.78 -8.28
CA GLY B 399 -67.18 -34.79 -9.28
C GLY B 399 -66.59 -35.13 -10.63
N ARG B 400 -65.95 -34.14 -11.27
CA ARG B 400 -65.32 -34.34 -12.58
C ARG B 400 -63.83 -34.74 -12.50
N ASP B 401 -63.41 -35.31 -11.38
CA ASP B 401 -62.03 -35.78 -11.22
C ASP B 401 -61.87 -37.14 -11.90
N PHE B 402 -61.75 -37.12 -13.22
CA PHE B 402 -61.78 -38.33 -14.03
C PHE B 402 -60.64 -39.31 -13.77
N GLN B 403 -59.55 -38.82 -13.18
CA GLN B 403 -58.43 -39.69 -12.81
C GLN B 403 -58.78 -40.50 -11.57
N ALA B 404 -59.33 -39.83 -10.57
CA ALA B 404 -59.77 -40.49 -9.33
C ALA B 404 -60.80 -41.58 -9.63
N ILE B 405 -61.83 -41.21 -10.38
CA ILE B 405 -62.89 -42.14 -10.79
C ILE B 405 -62.28 -43.34 -11.52
N SER B 406 -61.31 -43.07 -12.39
CA SER B 406 -60.62 -44.12 -13.13
C SER B 406 -59.82 -45.07 -12.23
N ASP B 407 -59.22 -44.51 -11.18
CA ASP B 407 -58.41 -45.27 -10.24
C ASP B 407 -59.27 -46.16 -9.32
N VAL B 408 -60.45 -45.66 -8.97
CA VAL B 408 -61.43 -46.41 -8.17
C VAL B 408 -61.85 -47.67 -8.91
N ILE B 409 -62.27 -47.50 -10.16
CA ILE B 409 -62.63 -48.61 -11.05
C ILE B 409 -61.43 -49.54 -11.27
N GLY B 410 -60.27 -48.95 -11.54
CA GLY B 410 -59.00 -49.68 -11.58
C GLY B 410 -58.61 -50.27 -12.92
N ASN B 411 -59.59 -50.64 -13.73
CA ASN B 411 -59.34 -51.20 -15.06
C ASN B 411 -59.92 -50.34 -16.19
N LYS B 412 -59.87 -49.02 -16.00
CA LYS B 412 -60.29 -48.08 -17.03
C LYS B 412 -59.28 -46.95 -17.17
N SER B 413 -59.07 -46.49 -18.40
CA SER B 413 -58.23 -45.34 -18.67
C SER B 413 -59.07 -44.07 -18.59
N VAL B 414 -58.43 -42.97 -18.20
CA VAL B 414 -59.09 -41.68 -17.98
C VAL B 414 -60.00 -41.27 -19.16
N VAL B 415 -59.56 -41.57 -20.38
CA VAL B 415 -60.33 -41.23 -21.58
C VAL B 415 -61.66 -42.00 -21.63
N GLN B 416 -61.61 -43.29 -21.28
CA GLN B 416 -62.79 -44.14 -21.26
C GLN B 416 -63.84 -43.64 -20.28
N VAL B 417 -63.37 -43.11 -19.15
CA VAL B 417 -64.23 -42.53 -18.12
C VAL B 417 -64.93 -41.26 -18.63
N LYS B 418 -64.20 -40.44 -19.37
CA LYS B 418 -64.77 -39.26 -20.02
C LYS B 418 -65.77 -39.67 -21.09
N ASN B 419 -65.44 -40.72 -21.85
CA ASN B 419 -66.36 -41.29 -22.85
C ASN B 419 -67.66 -41.75 -22.21
N PHE B 420 -67.52 -42.51 -21.12
CA PHE B 420 -68.64 -42.97 -20.30
C PHE B 420 -69.54 -41.81 -19.88
N PHE B 421 -68.92 -40.74 -19.40
CA PHE B 421 -69.60 -39.56 -18.89
C PHE B 421 -70.56 -38.94 -19.91
N VAL B 422 -70.20 -38.99 -21.19
CA VAL B 422 -70.99 -38.34 -22.24
C VAL B 422 -72.17 -39.21 -22.70
N ASN B 423 -71.91 -40.51 -22.91
CA ASN B 423 -72.92 -41.45 -23.39
C ASN B 423 -74.05 -41.68 -22.38
N TYR B 424 -73.66 -41.92 -21.13
CA TYR B 424 -74.59 -42.23 -20.06
C TYR B 424 -74.93 -41.00 -19.23
N ARG B 425 -74.59 -39.82 -19.75
CA ARG B 425 -74.98 -38.54 -19.14
C ARG B 425 -76.50 -38.50 -18.99
N ARG B 426 -77.19 -39.00 -20.01
CA ARG B 426 -78.64 -39.04 -20.05
C ARG B 426 -79.22 -40.11 -19.11
N ARG B 427 -78.76 -41.34 -19.28
CA ARG B 427 -79.37 -42.51 -18.63
C ARG B 427 -79.02 -42.69 -17.15
N PHE B 428 -77.97 -42.01 -16.69
CA PHE B 428 -77.62 -42.05 -15.28
C PHE B 428 -77.83 -40.70 -14.60
N ASN B 429 -78.56 -39.80 -15.26
CA ASN B 429 -78.82 -38.45 -14.75
C ASN B 429 -77.57 -37.82 -14.13
N ILE B 430 -76.43 -38.03 -14.78
CA ILE B 430 -75.12 -37.66 -14.23
C ILE B 430 -75.01 -36.17 -13.92
N ASP B 431 -75.74 -35.35 -14.67
CA ASP B 431 -75.83 -33.91 -14.38
C ASP B 431 -76.32 -33.66 -12.94
N GLU B 432 -77.32 -34.45 -12.52
CA GLU B 432 -77.84 -34.35 -11.15
C GLU B 432 -76.84 -34.86 -10.11
N VAL B 433 -76.11 -35.91 -10.48
CA VAL B 433 -75.07 -36.48 -9.63
C VAL B 433 -73.93 -35.48 -9.40
N LEU B 434 -73.54 -34.76 -10.45
CA LEU B 434 -72.53 -33.70 -10.35
C LEU B 434 -72.92 -32.58 -9.42
N GLN B 435 -74.14 -32.05 -9.58
CA GLN B 435 -74.61 -30.92 -8.78
C GLN B 435 -74.87 -31.30 -7.32
N GLU B 436 -75.14 -32.59 -7.09
CA GLU B 436 -75.20 -33.15 -5.73
C GLU B 436 -73.83 -33.09 -5.06
N TRP B 437 -72.78 -33.37 -5.84
CA TRP B 437 -71.39 -33.28 -5.38
C TRP B 437 -70.97 -31.85 -5.18
N GLU B 438 -71.45 -30.97 -6.04
CA GLU B 438 -71.13 -29.53 -5.98
C GLU B 438 -71.67 -28.85 -4.72
N ALA B 439 -72.80 -29.35 -4.21
CA ALA B 439 -73.42 -28.78 -3.01
C ALA B 439 -72.57 -28.96 -1.74
N GLU B 440 -71.41 -29.59 -1.88
CA GLU B 440 -70.51 -29.83 -0.75
C GLU B 440 -69.12 -29.21 -0.99
N PRO C 1 11.17 7.84 1.24
CA PRO C 1 10.37 7.63 0.03
C PRO C 1 10.09 6.14 -0.26
N LEU C 2 9.26 5.89 -1.27
CA LEU C 2 8.89 4.53 -1.65
C LEU C 2 10.07 3.68 -2.04
N SER C 3 10.97 4.26 -2.84
CA SER C 3 12.13 3.54 -3.37
C SER C 3 12.97 2.89 -2.26
N PHE C 4 12.74 3.30 -1.01
CA PHE C 4 13.45 2.75 0.14
C PHE C 4 12.85 1.44 0.62
N LEU C 5 11.61 1.12 0.18
CA LEU C 5 10.94 -0.14 0.56
C LEU C 5 11.82 -1.36 0.32
N VAL C 6 11.94 -2.19 1.34
CA VAL C 6 12.75 -3.40 1.24
C VAL C 6 12.00 -4.48 0.47
N LEU D 2 36.84 11.58 20.97
CA LEU D 2 35.37 11.79 21.05
C LEU D 2 34.60 10.69 20.30
N SER D 3 34.47 10.86 18.98
CA SER D 3 33.63 9.99 18.14
C SER D 3 34.37 9.49 16.91
N PHE D 4 33.91 8.37 16.36
CA PHE D 4 34.54 7.72 15.21
C PHE D 4 33.73 7.82 13.92
N LEU D 5 32.91 8.87 13.82
CA LEU D 5 32.09 9.11 12.63
C LEU D 5 32.81 9.98 11.62
N VAL D 6 32.72 9.60 10.34
CA VAL D 6 33.34 10.37 9.26
C VAL D 6 32.26 10.98 8.34
#